data_1NJF
#
_entry.id   1NJF
#
_cell.length_a   71.708
_cell.length_b   113.347
_cell.length_c   121.355
_cell.angle_alpha   90.00
_cell.angle_beta   90.00
_cell.angle_gamma   90.00
#
_symmetry.space_group_name_H-M   'P 21 21 21'
#
loop_
_entity.id
_entity.type
_entity.pdbx_description
1 polymer 'DNA polymerase III subunit gamma'
2 non-polymer 'ZINC ION'
3 non-polymer 'PHOSPHOTHIOPHOSPHORIC ACID-ADENYLATE ESTER'
4 non-polymer "ADENOSINE-5'-DIPHOSPHATE"
5 water water
#
_entity_poly.entity_id   1
_entity_poly.type   'polypeptide(L)'
_entity_poly.pdbx_seq_one_letter_code
;GAHMGGSMSYQVLARKWRPQTFADVVGQEHVLTALANGLSLGRIHHAYLFSGTRGVGKTSIARLLAKGLNCETGITATPC
GVCDNCREIEQGRFVDLIEIDAASRTKVEDTRDLLDNVQYAPARGRFKVYLIDEVHMLSRHSFNALLKTLEEPPEHVKFL
LATTDPQKLPVTILSRCLQFHLKALDVEQIRHQLEHILNEEHIAHEPRALQLLARAAEGSLRDALSLTDQAIASGDGQVS
TQAVSAMLGT
;
_entity_poly.pdbx_strand_id   A,B,C,D
#
# COMPACT_ATOMS: atom_id res chain seq x y z
N VAL A 12 -7.48 19.94 19.74
CA VAL A 12 -7.31 20.11 21.21
C VAL A 12 -5.89 20.54 21.54
N LEU A 13 -5.68 21.01 22.77
CA LEU A 13 -4.37 21.50 23.18
C LEU A 13 -3.23 20.54 22.89
N ALA A 14 -3.43 19.27 23.22
CA ALA A 14 -2.42 18.24 23.02
C ALA A 14 -1.87 18.17 21.59
N ARG A 15 -2.75 18.21 20.60
CA ARG A 15 -2.31 18.16 19.20
C ARG A 15 -1.69 19.49 18.78
N LYS A 16 -2.28 20.58 19.22
CA LYS A 16 -1.79 21.89 18.86
C LYS A 16 -0.41 22.18 19.45
N TRP A 17 -0.15 21.69 20.66
CA TRP A 17 1.14 21.96 21.29
C TRP A 17 2.14 20.81 21.27
N ARG A 18 2.04 19.97 20.26
CA ARG A 18 2.97 18.86 20.10
C ARG A 18 4.33 19.50 19.82
N PRO A 19 5.39 19.03 20.49
CA PRO A 19 6.72 19.61 20.26
C PRO A 19 7.14 19.61 18.78
N GLN A 20 7.60 20.75 18.30
CA GLN A 20 8.04 20.89 16.92
C GLN A 20 9.57 21.02 16.84
N THR A 21 10.20 21.18 17.99
CA THR A 21 11.65 21.31 18.08
C THR A 21 12.06 20.69 19.42
N PHE A 22 13.33 20.29 19.55
CA PHE A 22 13.77 19.71 20.81
C PHE A 22 13.59 20.71 21.94
N ALA A 23 13.71 22.00 21.62
CA ALA A 23 13.56 23.06 22.61
C ALA A 23 12.14 23.15 23.14
N ASP A 24 11.16 22.65 22.38
CA ASP A 24 9.77 22.70 22.84
C ASP A 24 9.46 21.54 23.78
N VAL A 25 10.35 20.56 23.84
CA VAL A 25 10.14 19.39 24.70
C VAL A 25 10.34 19.71 26.18
N VAL A 26 9.38 19.30 27.00
CA VAL A 26 9.45 19.53 28.44
C VAL A 26 10.20 18.40 29.15
N GLY A 27 11.20 18.80 29.92
CA GLY A 27 11.99 17.92 30.75
C GLY A 27 12.54 16.54 30.47
N GLN A 28 13.13 16.30 29.31
CA GLN A 28 13.73 14.97 29.11
C GLN A 28 15.17 15.31 28.67
N GLU A 29 15.77 16.25 29.40
CA GLU A 29 17.11 16.77 29.14
C GLU A 29 18.18 15.75 28.81
N HIS A 30 18.36 14.75 29.66
CA HIS A 30 19.37 13.73 29.44
C HIS A 30 19.20 13.04 28.09
N VAL A 31 17.96 12.94 27.63
CA VAL A 31 17.69 12.29 26.36
C VAL A 31 17.95 13.28 25.23
N LEU A 32 17.46 14.51 25.39
CA LEU A 32 17.62 15.53 24.37
C LEU A 32 19.07 15.93 24.15
N THR A 33 19.85 15.93 25.22
CA THR A 33 21.26 16.28 25.12
C THR A 33 22.04 15.20 24.34
N ALA A 34 21.70 13.94 24.56
CA ALA A 34 22.39 12.85 23.87
C ALA A 34 21.99 12.75 22.40
N LEU A 35 20.71 12.91 22.12
CA LEU A 35 20.24 12.86 20.74
C LEU A 35 20.82 14.03 19.94
N ALA A 36 20.86 15.20 20.57
CA ALA A 36 21.40 16.39 19.91
C ALA A 36 22.90 16.23 19.64
N ASN A 37 23.64 15.73 20.61
CA ASN A 37 25.08 15.55 20.42
C ASN A 37 25.32 14.59 19.27
N GLY A 38 24.60 13.46 19.28
CA GLY A 38 24.75 12.49 18.22
C GLY A 38 24.39 13.05 16.86
N LEU A 39 23.25 13.73 16.77
CA LEU A 39 22.81 14.32 15.51
C LEU A 39 23.81 15.36 15.01
N SER A 40 24.20 16.29 15.89
CA SER A 40 25.11 17.34 15.50
C SER A 40 26.46 16.85 14.99
N LEU A 41 26.96 15.74 15.54
CA LEU A 41 28.25 15.20 15.09
C LEU A 41 28.14 14.10 14.04
N GLY A 42 26.95 13.94 13.47
CA GLY A 42 26.75 12.93 12.45
C GLY A 42 26.98 11.50 12.90
N ARG A 43 26.73 11.23 14.19
CA ARG A 43 26.92 9.89 14.74
C ARG A 43 25.52 9.27 14.88
N ILE A 44 25.06 8.58 13.84
CA ILE A 44 23.73 7.99 13.87
C ILE A 44 23.69 6.46 13.97
N HIS A 45 22.95 5.99 14.96
CA HIS A 45 22.81 4.56 15.16
C HIS A 45 21.67 4.09 14.31
N HIS A 46 21.58 2.78 14.10
CA HIS A 46 20.54 2.26 13.26
C HIS A 46 19.19 2.09 13.96
N ALA A 47 19.18 2.08 15.28
CA ALA A 47 17.91 1.91 15.96
C ALA A 47 17.88 2.63 17.28
N TYR A 48 16.76 3.29 17.57
CA TYR A 48 16.61 4.00 18.82
C TYR A 48 15.40 3.46 19.55
N LEU A 49 15.52 3.37 20.87
CA LEU A 49 14.42 2.86 21.68
C LEU A 49 14.07 3.92 22.73
N PHE A 50 12.78 4.28 22.77
CA PHE A 50 12.31 5.25 23.73
C PHE A 50 11.31 4.58 24.65
N SER A 51 11.64 4.53 25.93
CA SER A 51 10.75 3.89 26.89
C SER A 51 10.30 4.90 27.95
N GLY A 52 9.24 4.55 28.66
CA GLY A 52 8.70 5.42 29.68
C GLY A 52 7.20 5.26 29.77
N THR A 53 6.60 5.86 30.80
CA THR A 53 5.16 5.75 30.98
C THR A 53 4.39 6.57 29.96
N ARG A 54 3.13 6.81 30.28
CA ARG A 54 2.20 7.53 29.43
C ARG A 54 2.35 9.04 29.28
N GLY A 55 2.26 9.50 28.03
CA GLY A 55 2.33 10.92 27.73
C GLY A 55 3.48 11.70 28.31
N VAL A 56 4.68 11.12 28.28
CA VAL A 56 5.87 11.78 28.79
C VAL A 56 6.71 12.34 27.65
N GLY A 57 6.36 11.99 26.41
CA GLY A 57 7.09 12.51 25.27
C GLY A 57 7.82 11.56 24.36
N LYS A 58 7.56 10.25 24.47
CA LYS A 58 8.25 9.28 23.62
C LYS A 58 8.06 9.47 22.12
N THR A 59 6.80 9.55 21.69
CA THR A 59 6.49 9.73 20.30
C THR A 59 6.94 11.12 19.83
N SER A 60 6.78 12.13 20.67
CA SER A 60 7.18 13.48 20.31
C SER A 60 8.67 13.50 19.96
N ILE A 61 9.48 12.94 20.84
CA ILE A 61 10.91 12.91 20.63
C ILE A 61 11.28 12.03 19.43
N ALA A 62 10.65 10.86 19.30
CA ALA A 62 10.94 10.00 18.15
C ALA A 62 10.65 10.78 16.85
N ARG A 63 9.53 11.48 16.84
CA ARG A 63 9.12 12.26 15.67
C ARG A 63 10.10 13.40 15.34
N LEU A 64 10.63 14.05 16.35
CA LEU A 64 11.59 15.13 16.13
C LEU A 64 12.89 14.51 15.58
N LEU A 65 13.29 13.36 16.13
CA LEU A 65 14.49 12.71 15.64
C LEU A 65 14.34 12.38 14.15
N ALA A 66 13.19 11.84 13.77
CA ALA A 66 12.95 11.50 12.37
C ALA A 66 13.04 12.78 11.56
N LYS A 67 12.52 13.84 12.15
CA LYS A 67 12.51 15.16 11.53
C LYS A 67 13.95 15.67 11.37
N GLY A 68 14.77 15.51 12.43
CA GLY A 68 16.16 15.95 12.38
C GLY A 68 16.98 15.17 11.37
N LEU A 69 16.63 13.91 11.18
CA LEU A 69 17.32 13.01 10.25
C LEU A 69 17.04 13.26 8.77
N ASN A 70 15.84 13.72 8.44
CA ASN A 70 15.44 13.94 7.06
C ASN A 70 15.27 15.38 6.60
N CYS A 71 15.59 16.34 7.48
CA CYS A 71 15.47 17.73 7.10
C CYS A 71 16.30 18.02 5.85
N GLU A 72 15.71 18.70 4.88
CA GLU A 72 16.38 19.04 3.64
C GLU A 72 17.60 19.89 3.90
N THR A 73 17.54 20.64 4.99
CA THR A 73 18.64 21.52 5.39
C THR A 73 19.90 20.71 5.71
N GLY A 74 19.70 19.44 6.09
CA GLY A 74 20.79 18.55 6.44
C GLY A 74 20.49 17.82 7.76
N ILE A 75 21.28 16.80 8.08
CA ILE A 75 21.08 16.06 9.34
C ILE A 75 21.35 17.04 10.47
N THR A 76 20.32 17.36 11.23
CA THR A 76 20.47 18.35 12.28
C THR A 76 19.67 18.08 13.54
N ALA A 77 20.13 18.64 14.66
CA ALA A 77 19.45 18.52 15.94
C ALA A 77 18.41 19.63 16.01
N THR A 78 18.35 20.44 14.94
CA THR A 78 17.38 21.53 14.86
C THR A 78 16.65 21.56 13.52
N PRO A 79 15.73 20.60 13.27
CA PRO A 79 15.01 20.61 11.99
C PRO A 79 14.49 22.02 11.73
N CYS A 80 14.60 22.49 10.48
CA CYS A 80 14.15 23.84 10.17
C CYS A 80 12.66 24.00 10.38
N GLY A 81 11.89 22.97 10.09
CA GLY A 81 10.46 23.01 10.28
C GLY A 81 9.64 23.64 9.16
N VAL A 82 10.30 24.12 8.12
CA VAL A 82 9.59 24.76 7.02
C VAL A 82 9.80 24.07 5.68
N CYS A 83 10.76 23.15 5.60
CA CYS A 83 11.00 22.45 4.35
C CYS A 83 9.88 21.43 4.17
N ASP A 84 9.71 20.92 2.96
CA ASP A 84 8.65 19.96 2.70
C ASP A 84 8.77 18.69 3.54
N ASN A 85 9.99 18.16 3.69
CA ASN A 85 10.17 16.96 4.49
C ASN A 85 9.65 17.23 5.90
N CYS A 86 10.08 18.34 6.50
CA CYS A 86 9.62 18.70 7.84
C CYS A 86 8.11 18.88 7.95
N ARG A 87 7.50 19.59 6.99
CA ARG A 87 6.07 19.80 7.03
C ARG A 87 5.28 18.49 6.90
N GLU A 88 5.71 17.63 5.98
CA GLU A 88 5.04 16.36 5.76
C GLU A 88 5.14 15.42 6.97
N ILE A 89 6.31 15.36 7.59
CA ILE A 89 6.49 14.52 8.76
C ILE A 89 5.51 15.00 9.83
N GLU A 90 5.45 16.32 9.97
CA GLU A 90 4.56 16.97 10.91
C GLU A 90 3.11 16.53 10.64
N GLN A 91 2.71 16.53 9.37
CA GLN A 91 1.36 16.14 8.96
C GLN A 91 1.15 14.63 9.05
N GLY A 92 2.24 13.88 9.16
CA GLY A 92 2.12 12.44 9.23
C GLY A 92 1.89 11.90 7.83
N ARG A 93 2.23 12.69 6.82
CA ARG A 93 2.05 12.27 5.44
C ARG A 93 3.38 12.24 4.69
N PHE A 94 4.44 11.84 5.38
CA PHE A 94 5.76 11.78 4.75
C PHE A 94 6.02 10.35 4.28
N VAL A 95 6.30 10.19 2.98
CA VAL A 95 6.54 8.86 2.42
C VAL A 95 7.68 8.08 3.07
N ASP A 96 8.65 8.75 3.67
CA ASP A 96 9.77 8.04 4.28
C ASP A 96 9.71 7.91 5.81
N LEU A 97 8.55 8.19 6.38
CA LEU A 97 8.35 8.02 7.81
C LEU A 97 7.19 7.04 7.90
N ILE A 98 7.50 5.76 8.05
CA ILE A 98 6.46 4.74 8.14
C ILE A 98 6.08 4.46 9.59
N GLU A 99 4.90 4.90 9.99
CA GLU A 99 4.43 4.69 11.36
C GLU A 99 3.72 3.35 11.53
N ILE A 100 4.19 2.56 12.48
CA ILE A 100 3.59 1.25 12.76
C ILE A 100 3.07 1.24 14.19
N ASP A 101 1.85 0.76 14.37
CA ASP A 101 1.24 0.68 15.69
C ASP A 101 1.03 -0.77 16.08
N ALA A 102 1.96 -1.32 16.85
CA ALA A 102 1.88 -2.70 17.28
C ALA A 102 0.70 -2.96 18.21
N ALA A 103 0.20 -1.91 18.85
CA ALA A 103 -0.92 -2.04 19.78
C ALA A 103 -2.30 -2.03 19.11
N SER A 104 -2.36 -1.79 17.81
CA SER A 104 -3.64 -1.74 17.10
C SER A 104 -4.21 -3.08 16.67
N ARG A 105 -5.45 -3.35 17.07
CA ARG A 105 -6.12 -4.60 16.71
C ARG A 105 -6.53 -4.59 15.25
N THR A 106 -6.65 -3.39 14.69
CA THR A 106 -7.07 -3.19 13.31
C THR A 106 -5.97 -3.25 12.25
N LYS A 107 -4.75 -2.87 12.61
CA LYS A 107 -3.66 -2.85 11.66
C LYS A 107 -2.71 -4.02 11.80
N VAL A 108 -3.22 -5.16 12.27
CA VAL A 108 -2.37 -6.32 12.47
C VAL A 108 -1.71 -6.87 11.22
N GLU A 109 -2.43 -6.86 10.10
CA GLU A 109 -1.83 -7.36 8.86
C GLU A 109 -0.80 -6.35 8.36
N ASP A 110 -1.19 -5.09 8.21
CA ASP A 110 -0.26 -4.05 7.75
C ASP A 110 1.01 -4.04 8.60
N THR A 111 0.85 -4.26 9.90
CA THR A 111 1.99 -4.27 10.81
C THR A 111 2.92 -5.40 10.40
N ARG A 112 2.33 -6.58 10.24
CA ARG A 112 3.06 -7.78 9.86
C ARG A 112 3.72 -7.64 8.48
N ASP A 113 2.96 -7.18 7.49
CA ASP A 113 3.47 -7.04 6.12
C ASP A 113 4.61 -6.03 5.97
N LEU A 114 4.41 -4.82 6.47
CA LEU A 114 5.42 -3.77 6.39
C LEU A 114 6.76 -4.23 6.98
N LEU A 115 6.70 -4.95 8.09
CA LEU A 115 7.93 -5.44 8.73
C LEU A 115 8.58 -6.59 7.98
N ASP A 116 7.78 -7.32 7.19
CA ASP A 116 8.32 -8.41 6.39
C ASP A 116 8.85 -7.87 5.07
N ASN A 117 8.53 -6.62 4.78
CA ASN A 117 8.94 -6.02 3.51
C ASN A 117 9.56 -4.63 3.69
N VAL A 118 10.69 -4.56 4.39
CA VAL A 118 11.36 -3.29 4.61
C VAL A 118 11.79 -2.67 3.29
N GLN A 119 11.45 -1.40 3.08
CA GLN A 119 11.84 -0.67 1.86
C GLN A 119 13.23 -0.07 2.10
N TYR A 120 14.25 -0.77 1.62
CA TYR A 120 15.65 -0.38 1.80
C TYR A 120 16.14 0.93 1.21
N ALA A 121 15.40 1.52 0.28
CA ALA A 121 15.83 2.76 -0.33
C ALA A 121 14.77 3.83 -0.14
N PRO A 122 15.12 4.94 0.55
CA PRO A 122 14.15 6.02 0.77
C PRO A 122 13.69 6.54 -0.58
N ALA A 123 12.45 7.00 -0.66
CA ALA A 123 11.94 7.52 -1.92
C ALA A 123 12.14 9.01 -2.04
N ARG A 124 12.15 9.70 -0.90
CA ARG A 124 12.32 11.15 -0.89
C ARG A 124 13.46 11.66 0.00
N GLY A 125 13.37 11.35 1.29
CA GLY A 125 14.39 11.79 2.24
C GLY A 125 15.65 10.95 2.17
N ARG A 126 16.68 11.33 2.91
CA ARG A 126 17.93 10.58 2.88
C ARG A 126 17.84 9.25 3.65
N PHE A 127 16.83 9.10 4.50
CA PHE A 127 16.64 7.88 5.26
C PHE A 127 15.21 7.41 5.18
N LYS A 128 15.03 6.10 5.27
CA LYS A 128 13.70 5.49 5.28
C LYS A 128 13.54 5.24 6.78
N VAL A 129 12.59 5.92 7.40
CA VAL A 129 12.38 5.78 8.83
C VAL A 129 11.13 5.01 9.25
N TYR A 130 11.33 4.06 10.16
CA TYR A 130 10.21 3.30 10.71
C TYR A 130 10.03 3.68 12.17
N LEU A 131 8.83 4.07 12.54
CA LEU A 131 8.53 4.43 13.91
C LEU A 131 7.49 3.41 14.43
N ILE A 132 7.89 2.59 15.39
CA ILE A 132 7.00 1.57 15.90
C ILE A 132 6.55 1.86 17.33
N ASP A 133 5.25 2.11 17.48
CA ASP A 133 4.61 2.41 18.76
C ASP A 133 4.36 1.09 19.51
N GLU A 134 4.55 1.11 20.83
CA GLU A 134 4.35 -0.07 21.68
C GLU A 134 4.93 -1.30 21.01
N VAL A 135 6.22 -1.23 20.70
CA VAL A 135 6.90 -2.30 20.00
C VAL A 135 6.86 -3.67 20.71
N HIS A 136 6.65 -3.67 22.02
CA HIS A 136 6.60 -4.93 22.75
C HIS A 136 5.31 -5.73 22.46
N MET A 137 4.35 -5.12 21.78
CA MET A 137 3.12 -5.83 21.48
C MET A 137 3.15 -6.54 20.12
N LEU A 138 4.31 -6.57 19.50
CA LEU A 138 4.46 -7.24 18.20
C LEU A 138 4.36 -8.74 18.35
N SER A 139 3.96 -9.43 17.29
CA SER A 139 3.85 -10.88 17.33
C SER A 139 5.28 -11.43 17.37
N ARG A 140 5.43 -12.69 17.73
CA ARG A 140 6.74 -13.31 17.78
C ARG A 140 7.31 -13.32 16.37
N HIS A 141 6.42 -13.50 15.39
CA HIS A 141 6.81 -13.52 13.99
C HIS A 141 7.53 -12.21 13.64
N SER A 142 6.87 -11.09 13.92
CA SER A 142 7.44 -9.77 13.62
C SER A 142 8.69 -9.46 14.43
N PHE A 143 8.73 -9.91 15.69
CA PHE A 143 9.91 -9.66 16.51
C PHE A 143 11.11 -10.17 15.73
N ASN A 144 11.03 -11.41 15.27
CA ASN A 144 12.13 -12.02 14.53
C ASN A 144 12.39 -11.32 13.21
N ALA A 145 11.34 -10.81 12.59
CA ALA A 145 11.51 -10.08 11.34
C ALA A 145 12.37 -8.84 11.68
N LEU A 146 11.98 -8.15 12.74
CA LEU A 146 12.69 -6.94 13.19
C LEU A 146 14.12 -7.26 13.59
N LEU A 147 14.29 -8.26 14.44
CA LEU A 147 15.61 -8.69 14.90
C LEU A 147 16.52 -8.85 13.67
N LYS A 148 16.08 -9.70 12.75
CA LYS A 148 16.79 -10.01 11.52
C LYS A 148 17.29 -8.75 10.81
N THR A 149 16.44 -7.72 10.75
CA THR A 149 16.80 -6.45 10.12
C THR A 149 17.80 -5.67 10.97
N LEU A 150 17.65 -5.75 12.29
CA LEU A 150 18.54 -5.07 13.22
C LEU A 150 19.89 -5.77 13.27
N GLU A 151 19.92 -7.04 12.89
CA GLU A 151 21.16 -7.81 12.87
C GLU A 151 21.96 -7.52 11.59
N GLU A 152 21.25 -7.23 10.50
CA GLU A 152 21.89 -6.93 9.22
C GLU A 152 21.36 -5.56 8.78
N PRO A 153 21.71 -4.52 9.56
CA PRO A 153 21.34 -3.11 9.39
C PRO A 153 21.32 -2.48 8.00
N PRO A 154 20.14 -2.45 7.36
CA PRO A 154 20.02 -1.85 6.04
C PRO A 154 20.46 -0.40 6.19
N GLU A 155 21.30 0.10 5.30
CA GLU A 155 21.66 1.50 5.44
C GLU A 155 20.51 2.24 4.78
N HIS A 156 20.36 3.51 5.15
CA HIS A 156 19.30 4.38 4.63
C HIS A 156 18.01 4.09 5.40
N VAL A 157 18.04 3.08 6.27
CA VAL A 157 16.88 2.71 7.07
C VAL A 157 17.14 2.79 8.57
N LYS A 158 16.31 3.55 9.27
CA LYS A 158 16.42 3.71 10.72
C LYS A 158 15.16 3.26 11.44
N PHE A 159 15.34 2.64 12.60
CA PHE A 159 14.21 2.16 13.41
C PHE A 159 14.12 2.93 14.71
N LEU A 160 12.97 3.56 14.94
CA LEU A 160 12.71 4.33 16.15
C LEU A 160 11.57 3.63 16.86
N LEU A 161 11.92 2.95 17.94
CA LEU A 161 10.96 2.19 18.71
C LEU A 161 10.54 2.92 19.96
N ALA A 162 9.29 2.69 20.37
CA ALA A 162 8.73 3.30 21.56
C ALA A 162 8.03 2.20 22.34
N THR A 163 8.04 2.32 23.65
CA THR A 163 7.38 1.32 24.47
C THR A 163 7.30 1.71 25.94
N THR A 164 6.22 1.30 26.58
CA THR A 164 6.01 1.57 27.98
C THR A 164 6.53 0.40 28.81
N ASP A 165 6.94 -0.68 28.13
CA ASP A 165 7.41 -1.87 28.82
C ASP A 165 8.59 -2.52 28.09
N PRO A 166 9.76 -1.86 28.15
CA PRO A 166 10.93 -2.43 27.48
C PRO A 166 11.26 -3.87 27.86
N GLN A 167 10.98 -4.25 29.10
CA GLN A 167 11.26 -5.60 29.56
C GLN A 167 10.49 -6.69 28.81
N LYS A 168 9.29 -6.37 28.34
CA LYS A 168 8.46 -7.33 27.60
C LYS A 168 9.10 -7.61 26.25
N LEU A 169 10.17 -6.88 25.95
CA LEU A 169 10.87 -7.03 24.69
C LEU A 169 12.03 -8.01 24.69
N PRO A 170 12.14 -8.83 23.61
CA PRO A 170 13.23 -9.81 23.50
C PRO A 170 14.55 -9.08 23.69
N VAL A 171 15.37 -9.57 24.60
CA VAL A 171 16.65 -8.94 24.88
C VAL A 171 17.59 -8.87 23.68
N THR A 172 17.34 -9.69 22.67
CA THR A 172 18.16 -9.69 21.47
C THR A 172 17.92 -8.41 20.67
N ILE A 173 16.71 -7.88 20.77
CA ILE A 173 16.34 -6.66 20.08
C ILE A 173 16.72 -5.45 20.94
N LEU A 174 16.32 -5.47 22.20
CA LEU A 174 16.64 -4.36 23.08
C LEU A 174 18.14 -4.06 23.01
N SER A 175 18.94 -5.11 22.95
CA SER A 175 20.40 -4.98 22.86
C SER A 175 20.91 -4.31 21.61
N ARG A 176 20.10 -4.27 20.56
CA ARG A 176 20.52 -3.64 19.32
C ARG A 176 20.08 -2.19 19.18
N CYS A 177 19.49 -1.63 20.23
CA CYS A 177 19.02 -0.26 20.17
C CYS A 177 19.78 0.66 21.11
N LEU A 178 19.64 1.96 20.86
CA LEU A 178 20.23 2.95 21.72
C LEU A 178 18.98 3.22 22.56
N GLN A 179 19.04 2.88 23.84
CA GLN A 179 17.89 3.04 24.73
C GLN A 179 17.84 4.34 25.51
N PHE A 180 16.70 4.98 25.49
CA PHE A 180 16.52 6.22 26.22
C PHE A 180 15.32 6.05 27.11
N HIS A 181 15.51 6.30 28.40
CA HIS A 181 14.44 6.16 29.38
C HIS A 181 13.85 7.52 29.71
N LEU A 182 12.62 7.75 29.28
CA LEU A 182 11.95 9.01 29.59
C LEU A 182 11.32 8.93 30.97
N LYS A 183 11.34 10.04 31.69
CA LYS A 183 10.79 10.09 33.03
C LYS A 183 9.40 10.74 33.07
N ALA A 184 8.60 10.36 34.06
CA ALA A 184 7.30 10.98 34.22
C ALA A 184 7.68 12.42 34.57
N LEU A 185 6.88 13.38 34.14
CA LEU A 185 7.20 14.78 34.40
C LEU A 185 6.77 15.27 35.80
N ASP A 186 7.57 16.18 36.36
CA ASP A 186 7.33 16.79 37.68
C ASP A 186 6.05 17.60 37.67
N VAL A 187 5.51 17.85 38.85
CA VAL A 187 4.32 18.68 38.98
C VAL A 187 4.70 20.09 38.49
N GLU A 188 5.88 20.56 38.88
CA GLU A 188 6.33 21.89 38.43
C GLU A 188 6.60 21.90 36.91
N GLN A 189 7.16 20.83 36.37
CA GLN A 189 7.41 20.77 34.95
C GLN A 189 6.11 20.87 34.18
N ILE A 190 5.08 20.18 34.67
CA ILE A 190 3.79 20.21 34.01
C ILE A 190 3.09 21.54 34.24
N ARG A 191 3.11 22.00 35.49
CA ARG A 191 2.48 23.25 35.88
C ARG A 191 2.99 24.42 35.03
N HIS A 192 4.29 24.49 34.85
CA HIS A 192 4.92 25.56 34.07
C HIS A 192 4.53 25.50 32.59
N GLN A 193 4.44 24.29 32.05
CA GLN A 193 4.07 24.14 30.64
C GLN A 193 2.62 24.58 30.44
N LEU A 194 1.73 24.21 31.37
CA LEU A 194 0.32 24.59 31.24
C LEU A 194 0.22 26.12 31.24
N GLU A 195 0.94 26.74 32.19
CA GLU A 195 0.93 28.17 32.30
C GLU A 195 1.39 28.78 30.97
N HIS A 196 2.49 28.25 30.45
CA HIS A 196 3.06 28.74 29.20
C HIS A 196 2.09 28.63 28.02
N ILE A 197 1.40 27.49 27.94
CA ILE A 197 0.45 27.27 26.86
C ILE A 197 -0.77 28.18 27.00
N LEU A 198 -1.32 28.28 28.20
CA LEU A 198 -2.47 29.14 28.42
C LEU A 198 -2.14 30.60 28.15
N ASN A 199 -0.91 31.02 28.46
CA ASN A 199 -0.49 32.40 28.18
C ASN A 199 -0.46 32.63 26.67
N GLU A 200 0.03 31.65 25.90
CA GLU A 200 0.09 31.78 24.45
C GLU A 200 -1.30 31.74 23.80
N GLU A 201 -2.22 30.98 24.40
CA GLU A 201 -3.58 30.87 23.89
C GLU A 201 -4.41 32.08 24.32
N HIS A 202 -3.88 32.87 25.25
CA HIS A 202 -4.59 34.03 25.79
C HIS A 202 -5.85 33.56 26.51
N ILE A 203 -5.70 32.53 27.32
CA ILE A 203 -6.80 31.98 28.10
C ILE A 203 -6.52 32.33 29.56
N ALA A 204 -7.52 32.80 30.26
CA ALA A 204 -7.35 33.19 31.66
C ALA A 204 -7.18 31.99 32.58
N HIS A 205 -6.27 32.12 33.55
CA HIS A 205 -5.98 31.05 34.51
C HIS A 205 -5.57 31.62 35.86
N GLU A 206 -5.79 30.84 36.91
CA GLU A 206 -5.39 31.24 38.25
C GLU A 206 -4.33 30.24 38.72
N PRO A 207 -3.30 30.72 39.45
CA PRO A 207 -2.19 29.89 39.94
C PRO A 207 -2.60 28.55 40.53
N ARG A 208 -3.49 28.59 41.50
CA ARG A 208 -3.95 27.39 42.17
C ARG A 208 -4.54 26.38 41.20
N ALA A 209 -5.39 26.88 40.31
CA ALA A 209 -6.01 26.01 39.33
C ALA A 209 -4.94 25.18 38.60
N LEU A 210 -3.88 25.83 38.12
CA LEU A 210 -2.82 25.12 37.41
C LEU A 210 -2.09 24.09 38.27
N GLN A 211 -1.88 24.41 39.54
CA GLN A 211 -1.22 23.48 40.45
C GLN A 211 -2.07 22.21 40.58
N LEU A 212 -3.38 22.39 40.71
CA LEU A 212 -4.31 21.27 40.86
C LEU A 212 -4.34 20.38 39.62
N LEU A 213 -4.28 20.99 38.43
CA LEU A 213 -4.29 20.23 37.18
C LEU A 213 -2.98 19.46 36.98
N ALA A 214 -1.87 20.13 37.30
CA ALA A 214 -0.56 19.49 37.15
C ALA A 214 -0.48 18.26 38.06
N ARG A 215 -0.99 18.39 39.27
CA ARG A 215 -0.97 17.29 40.23
C ARG A 215 -1.89 16.17 39.77
N ALA A 216 -3.09 16.52 39.29
CA ALA A 216 -4.04 15.51 38.82
C ALA A 216 -3.54 14.76 37.59
N ALA A 217 -2.63 15.37 36.83
CA ALA A 217 -2.10 14.75 35.62
C ALA A 217 -1.28 13.51 35.96
N GLU A 218 -0.78 13.48 37.19
CA GLU A 218 0.03 12.35 37.67
C GLU A 218 1.11 11.92 36.69
N GLY A 219 2.02 12.84 36.39
CA GLY A 219 3.14 12.55 35.51
C GLY A 219 2.96 12.66 34.00
N SER A 220 1.72 12.70 33.52
CA SER A 220 1.48 12.77 32.08
C SER A 220 1.11 14.15 31.54
N LEU A 221 1.90 14.65 30.60
CA LEU A 221 1.60 15.96 30.05
C LEU A 221 0.34 15.85 29.19
N ARG A 222 0.13 14.69 28.57
CA ARG A 222 -1.07 14.50 27.75
C ARG A 222 -2.33 14.55 28.63
N ASP A 223 -2.32 13.85 29.76
CA ASP A 223 -3.47 13.87 30.66
C ASP A 223 -3.66 15.30 31.21
N ALA A 224 -2.55 16.00 31.40
CA ALA A 224 -2.57 17.37 31.90
C ALA A 224 -3.29 18.30 30.92
N LEU A 225 -2.99 18.15 29.64
CA LEU A 225 -3.62 18.99 28.63
C LEU A 225 -5.08 18.57 28.44
N SER A 226 -5.35 17.28 28.53
CA SER A 226 -6.71 16.80 28.39
C SER A 226 -7.56 17.31 29.57
N LEU A 227 -6.99 17.34 30.77
CA LEU A 227 -7.74 17.83 31.94
C LEU A 227 -7.93 19.35 31.84
N THR A 228 -6.96 20.04 31.24
CA THR A 228 -7.06 21.48 31.07
C THR A 228 -8.13 21.83 30.04
N ASP A 229 -8.22 21.03 28.97
CA ASP A 229 -9.23 21.26 27.93
C ASP A 229 -10.62 21.03 28.50
N GLN A 230 -10.75 20.05 29.41
CA GLN A 230 -12.05 19.78 30.00
C GLN A 230 -12.38 20.93 30.96
N ALA A 231 -11.38 21.44 31.67
CA ALA A 231 -11.61 22.54 32.60
C ALA A 231 -12.09 23.78 31.88
N ILE A 232 -11.40 24.13 30.78
CA ILE A 232 -11.77 25.30 30.00
C ILE A 232 -13.20 25.18 29.44
N ALA A 233 -13.52 24.01 28.89
CA ALA A 233 -14.86 23.79 28.32
C ALA A 233 -15.98 23.82 29.34
N SER A 234 -15.73 23.32 30.54
CA SER A 234 -16.78 23.30 31.55
C SER A 234 -16.71 24.51 32.50
N GLY A 235 -15.65 25.30 32.38
CA GLY A 235 -15.48 26.46 33.26
C GLY A 235 -15.50 27.84 32.61
N ASP A 236 -16.49 28.07 31.75
CA ASP A 236 -16.66 29.37 31.10
C ASP A 236 -15.49 29.88 30.26
N GLY A 237 -14.79 28.98 29.60
CA GLY A 237 -13.69 29.38 28.74
C GLY A 237 -12.46 29.89 29.45
N GLN A 238 -12.27 29.46 30.69
CA GLN A 238 -11.11 29.85 31.48
C GLN A 238 -10.76 28.74 32.46
N VAL A 239 -9.63 28.89 33.12
CA VAL A 239 -9.18 27.91 34.09
C VAL A 239 -9.08 28.59 35.45
N SER A 240 -10.12 28.44 36.27
CA SER A 240 -10.16 29.06 37.59
C SER A 240 -10.04 28.02 38.68
N THR A 241 -9.55 28.45 39.83
CA THR A 241 -9.37 27.55 40.95
C THR A 241 -10.67 26.91 41.40
N GLN A 242 -11.74 27.71 41.41
CA GLN A 242 -13.04 27.24 41.82
C GLN A 242 -13.61 26.15 40.91
N ALA A 243 -13.60 26.41 39.60
CA ALA A 243 -14.15 25.46 38.64
C ALA A 243 -13.34 24.17 38.55
N VAL A 244 -12.01 24.28 38.69
CA VAL A 244 -11.14 23.13 38.62
C VAL A 244 -11.34 22.24 39.84
N SER A 245 -11.42 22.85 41.02
CA SER A 245 -11.64 22.11 42.27
C SER A 245 -12.92 21.29 42.17
N ALA A 246 -13.97 21.93 41.71
CA ALA A 246 -15.25 21.26 41.55
C ALA A 246 -15.10 20.08 40.60
N MET A 247 -14.44 20.32 39.46
CA MET A 247 -14.23 19.29 38.44
C MET A 247 -13.41 18.11 38.93
N LEU A 248 -12.36 18.39 39.70
CA LEU A 248 -11.48 17.35 40.23
C LEU A 248 -11.99 16.71 41.51
N GLY A 249 -12.93 17.37 42.18
CA GLY A 249 -13.43 16.84 43.43
C GLY A 249 -12.41 17.13 44.53
N THR A 250 -11.81 18.32 44.46
CA THR A 250 -10.81 18.74 45.45
C THR A 250 -11.47 19.06 46.79
N VAL B 12 -13.72 -8.91 7.52
CA VAL B 12 -12.62 -9.86 7.88
C VAL B 12 -13.16 -11.01 8.71
N LEU B 13 -12.53 -12.18 8.56
CA LEU B 13 -12.95 -13.37 9.28
C LEU B 13 -13.02 -13.16 10.79
N ALA B 14 -12.07 -12.43 11.35
CA ALA B 14 -12.03 -12.19 12.78
C ALA B 14 -13.29 -11.50 13.33
N ARG B 15 -13.74 -10.45 12.65
CA ARG B 15 -14.94 -9.73 13.10
C ARG B 15 -16.19 -10.52 12.76
N LYS B 16 -16.21 -11.05 11.55
CA LYS B 16 -17.34 -11.83 11.06
C LYS B 16 -17.60 -13.10 11.87
N TRP B 17 -16.55 -13.76 12.34
CA TRP B 17 -16.71 -14.99 13.11
C TRP B 17 -16.52 -14.79 14.58
N ARG B 18 -17.03 -13.66 15.02
CA ARG B 18 -16.97 -13.35 16.42
C ARG B 18 -18.07 -14.13 17.11
N PRO B 19 -17.71 -14.79 18.23
CA PRO B 19 -18.53 -15.62 19.13
C PRO B 19 -19.75 -14.88 19.59
N GLN B 20 -20.91 -15.40 19.20
CA GLN B 20 -22.19 -14.79 19.55
C GLN B 20 -22.83 -15.47 20.74
N THR B 21 -22.33 -16.66 21.06
CA THR B 21 -22.82 -17.44 22.19
C THR B 21 -21.62 -18.04 22.93
N PHE B 22 -21.87 -18.52 24.15
CA PHE B 22 -20.84 -19.16 24.95
C PHE B 22 -20.31 -20.41 24.25
N ALA B 23 -21.18 -21.05 23.46
CA ALA B 23 -20.85 -22.27 22.76
C ALA B 23 -19.91 -22.01 21.58
N ASP B 24 -20.01 -20.83 20.98
CA ASP B 24 -19.16 -20.49 19.85
C ASP B 24 -17.71 -20.28 20.30
N VAL B 25 -17.48 -20.09 21.59
CA VAL B 25 -16.11 -19.90 22.09
C VAL B 25 -15.35 -21.21 22.19
N VAL B 26 -14.12 -21.24 21.66
CA VAL B 26 -13.33 -22.46 21.72
C VAL B 26 -12.32 -22.41 22.87
N GLY B 27 -12.06 -23.57 23.45
CA GLY B 27 -11.08 -23.71 24.52
C GLY B 27 -11.12 -22.99 25.86
N GLN B 28 -12.22 -22.39 26.25
CA GLN B 28 -12.21 -21.75 27.56
C GLN B 28 -13.30 -22.39 28.41
N GLU B 29 -13.34 -23.71 28.32
CA GLU B 29 -14.30 -24.56 29.04
C GLU B 29 -14.44 -24.22 30.50
N HIS B 30 -13.33 -24.18 31.22
CA HIS B 30 -13.36 -23.88 32.65
C HIS B 30 -13.85 -22.47 32.97
N VAL B 31 -13.39 -21.50 32.20
CA VAL B 31 -13.81 -20.12 32.41
C VAL B 31 -15.31 -20.01 32.08
N LEU B 32 -15.70 -20.56 30.94
CA LEU B 32 -17.08 -20.52 30.49
C LEU B 32 -18.06 -21.18 31.46
N THR B 33 -17.70 -22.34 31.99
CA THR B 33 -18.58 -23.04 32.92
C THR B 33 -18.78 -22.28 34.23
N ALA B 34 -17.71 -21.71 34.76
CA ALA B 34 -17.80 -20.95 36.00
C ALA B 34 -18.50 -19.61 35.80
N LEU B 35 -18.36 -19.02 34.61
CA LEU B 35 -18.96 -17.73 34.32
C LEU B 35 -20.48 -17.87 34.10
N ALA B 36 -20.89 -18.92 33.40
CA ALA B 36 -22.30 -19.16 33.11
C ALA B 36 -23.05 -19.63 34.35
N ASN B 37 -22.42 -20.52 35.10
CA ASN B 37 -23.02 -21.05 36.31
C ASN B 37 -23.30 -19.90 37.28
N GLY B 38 -22.36 -18.98 37.40
CA GLY B 38 -22.53 -17.84 38.28
C GLY B 38 -23.68 -16.97 37.83
N LEU B 39 -23.80 -16.76 36.52
CA LEU B 39 -24.90 -15.96 35.97
C LEU B 39 -26.21 -16.69 36.26
N SER B 40 -26.24 -17.97 35.93
CA SER B 40 -27.42 -18.79 36.14
C SER B 40 -27.85 -18.82 37.61
N LEU B 41 -26.89 -18.80 38.54
CA LEU B 41 -27.21 -18.81 39.95
C LEU B 41 -27.42 -17.42 40.52
N GLY B 42 -27.43 -16.41 39.65
CA GLY B 42 -27.67 -15.06 40.10
C GLY B 42 -26.55 -14.35 40.84
N ARG B 43 -25.36 -14.93 40.86
CA ARG B 43 -24.24 -14.29 41.54
C ARG B 43 -23.62 -13.24 40.62
N ILE B 44 -24.10 -11.99 40.73
CA ILE B 44 -23.60 -10.91 39.88
C ILE B 44 -22.59 -10.00 40.61
N HIS B 45 -21.54 -9.61 39.90
CA HIS B 45 -20.52 -8.77 40.48
C HIS B 45 -20.45 -7.40 39.81
N HIS B 46 -19.80 -6.46 40.48
CA HIS B 46 -19.66 -5.12 39.93
C HIS B 46 -18.61 -5.11 38.83
N ALA B 47 -17.59 -5.94 38.99
CA ALA B 47 -16.51 -5.98 38.01
C ALA B 47 -15.99 -7.39 37.77
N TYR B 48 -15.64 -7.66 36.52
CA TYR B 48 -15.09 -8.95 36.11
C TYR B 48 -13.76 -8.69 35.40
N LEU B 49 -12.78 -9.57 35.60
CA LEU B 49 -11.49 -9.41 34.95
C LEU B 49 -11.17 -10.66 34.13
N PHE B 50 -10.62 -10.44 32.94
CA PHE B 50 -10.26 -11.53 32.05
C PHE B 50 -8.81 -11.38 31.64
N SER B 51 -7.97 -12.31 32.10
CA SER B 51 -6.57 -12.26 31.77
C SER B 51 -6.15 -13.46 30.93
N GLY B 52 -4.97 -13.36 30.33
CA GLY B 52 -4.44 -14.42 29.50
C GLY B 52 -3.72 -13.87 28.28
N THR B 53 -3.02 -14.75 27.57
CA THR B 53 -2.27 -14.40 26.37
C THR B 53 -3.16 -13.76 25.29
N ARG B 54 -2.52 -13.09 24.35
CA ARG B 54 -3.21 -12.40 23.26
C ARG B 54 -4.01 -13.29 22.31
N GLY B 55 -5.16 -12.77 21.89
CA GLY B 55 -6.02 -13.48 20.97
C GLY B 55 -6.59 -14.83 21.36
N VAL B 56 -6.83 -15.07 22.65
CA VAL B 56 -7.37 -16.36 23.09
C VAL B 56 -8.84 -16.26 23.46
N GLY B 57 -9.40 -15.06 23.34
CA GLY B 57 -10.81 -14.88 23.64
C GLY B 57 -11.19 -14.02 24.82
N LYS B 58 -10.29 -13.15 25.28
CA LYS B 58 -10.60 -12.29 26.43
C LYS B 58 -11.74 -11.29 26.22
N THR B 59 -11.67 -10.46 25.17
CA THR B 59 -12.76 -9.51 24.97
C THR B 59 -14.00 -10.19 24.37
N SER B 60 -13.81 -11.30 23.66
CA SER B 60 -14.94 -12.04 23.10
C SER B 60 -15.85 -12.50 24.24
N ILE B 61 -15.24 -13.12 25.25
CA ILE B 61 -16.02 -13.58 26.39
C ILE B 61 -16.61 -12.39 27.14
N ALA B 62 -15.82 -11.33 27.31
CA ALA B 62 -16.29 -10.13 28.00
C ALA B 62 -17.54 -9.58 27.30
N ARG B 63 -17.52 -9.56 25.97
CA ARG B 63 -18.68 -9.06 25.24
C ARG B 63 -19.88 -9.98 25.38
N LEU B 64 -19.64 -11.28 25.45
CA LEU B 64 -20.74 -12.21 25.62
C LEU B 64 -21.36 -11.97 26.99
N LEU B 65 -20.50 -11.68 27.97
CA LEU B 65 -20.97 -11.37 29.32
C LEU B 65 -21.82 -10.11 29.29
N ALA B 66 -21.29 -9.04 28.73
CA ALA B 66 -22.03 -7.78 28.65
C ALA B 66 -23.37 -8.05 27.97
N LYS B 67 -23.32 -8.84 26.90
CA LYS B 67 -24.51 -9.21 26.13
C LYS B 67 -25.49 -9.96 27.02
N GLY B 68 -24.97 -10.85 27.86
CA GLY B 68 -25.83 -11.62 28.74
C GLY B 68 -26.41 -10.81 29.88
N LEU B 69 -25.66 -9.80 30.33
CA LEU B 69 -26.12 -8.96 31.42
C LEU B 69 -27.25 -8.03 31.04
N ASN B 70 -27.34 -7.69 29.75
CA ASN B 70 -28.37 -6.77 29.27
C ASN B 70 -29.45 -7.40 28.40
N CYS B 71 -29.39 -8.71 28.19
CA CYS B 71 -30.40 -9.34 27.37
C CYS B 71 -31.79 -9.01 27.90
N GLU B 72 -32.71 -8.71 26.99
CA GLU B 72 -34.08 -8.38 27.36
C GLU B 72 -34.78 -9.53 28.11
N THR B 73 -34.46 -10.78 27.76
CA THR B 73 -35.09 -11.93 28.42
C THR B 73 -34.68 -12.03 29.88
N GLY B 74 -33.61 -11.33 30.24
CA GLY B 74 -33.13 -11.33 31.61
C GLY B 74 -31.65 -11.64 31.61
N ILE B 75 -31.06 -11.70 32.80
CA ILE B 75 -29.65 -12.00 32.95
C ILE B 75 -29.35 -13.48 32.64
N THR B 76 -28.83 -13.74 31.44
CA THR B 76 -28.51 -15.09 30.99
C THR B 76 -27.08 -15.36 30.58
N ALA B 77 -26.75 -16.65 30.61
CA ALA B 77 -25.45 -17.15 30.18
C ALA B 77 -25.70 -17.48 28.71
N THR B 78 -26.97 -17.39 28.31
CA THR B 78 -27.38 -17.65 26.94
C THR B 78 -28.14 -16.49 26.30
N PRO B 79 -27.47 -15.36 26.05
CA PRO B 79 -28.11 -14.19 25.43
C PRO B 79 -28.97 -14.71 24.28
N CYS B 80 -30.16 -14.14 24.08
CA CYS B 80 -31.09 -14.62 23.05
C CYS B 80 -30.65 -14.37 21.61
N GLY B 81 -29.90 -13.30 21.38
CA GLY B 81 -29.42 -13.01 20.05
C GLY B 81 -30.46 -12.43 19.11
N VAL B 82 -31.68 -12.24 19.59
CA VAL B 82 -32.71 -11.68 18.71
C VAL B 82 -33.37 -10.42 19.25
N CYS B 83 -33.26 -10.18 20.56
CA CYS B 83 -33.83 -8.96 21.12
C CYS B 83 -32.96 -7.80 20.62
N ASP B 84 -33.47 -6.57 20.74
CA ASP B 84 -32.74 -5.41 20.26
C ASP B 84 -31.39 -5.16 20.95
N ASN B 85 -31.33 -5.34 22.26
CA ASN B 85 -30.08 -5.14 22.98
C ASN B 85 -29.00 -6.08 22.44
N CYS B 86 -29.40 -7.31 22.09
CA CYS B 86 -28.48 -8.31 21.54
C CYS B 86 -28.03 -8.02 20.11
N ARG B 87 -28.98 -7.64 19.25
CA ARG B 87 -28.67 -7.33 17.86
C ARG B 87 -27.70 -6.15 17.79
N GLU B 88 -28.03 -5.09 18.50
CA GLU B 88 -27.18 -3.91 18.51
C GLU B 88 -25.76 -4.27 18.87
N ILE B 89 -25.59 -5.06 19.93
CA ILE B 89 -24.26 -5.50 20.37
C ILE B 89 -23.58 -6.29 19.26
N GLU B 90 -24.33 -7.18 18.60
CA GLU B 90 -23.79 -7.99 17.52
C GLU B 90 -23.30 -7.09 16.39
N GLN B 91 -24.01 -6.00 16.15
CA GLN B 91 -23.67 -5.04 15.10
C GLN B 91 -22.66 -4.05 15.69
N GLY B 92 -22.62 -4.02 17.02
CA GLY B 92 -21.72 -3.13 17.72
C GLY B 92 -22.25 -1.71 17.74
N ARG B 93 -23.54 -1.55 18.04
CA ARG B 93 -24.17 -0.23 18.09
C ARG B 93 -24.92 -0.01 19.40
N PHE B 94 -24.61 -0.78 20.43
CA PHE B 94 -25.32 -0.62 21.68
C PHE B 94 -24.85 0.59 22.49
N VAL B 95 -25.80 1.37 22.99
CA VAL B 95 -25.49 2.58 23.77
C VAL B 95 -25.12 2.32 25.24
N ASP B 96 -25.46 1.13 25.75
CA ASP B 96 -25.14 0.81 27.14
C ASP B 96 -23.84 0.03 27.28
N LEU B 97 -23.13 -0.18 26.16
CA LEU B 97 -21.85 -0.86 26.20
C LEU B 97 -20.77 0.10 25.69
N ILE B 98 -19.99 0.64 26.61
CA ILE B 98 -18.93 1.57 26.27
C ILE B 98 -17.60 0.84 26.22
N GLU B 99 -17.01 0.75 25.03
CA GLU B 99 -15.72 0.07 24.90
C GLU B 99 -14.55 1.02 24.95
N ILE B 100 -13.66 0.79 25.89
CA ILE B 100 -12.46 1.60 26.07
C ILE B 100 -11.25 0.72 25.75
N ASP B 101 -10.37 1.21 24.87
CA ASP B 101 -9.17 0.47 24.52
C ASP B 101 -8.01 1.28 25.08
N ALA B 102 -7.48 0.82 26.19
CA ALA B 102 -6.40 1.51 26.85
C ALA B 102 -5.09 1.49 26.07
N ALA B 103 -4.96 0.58 25.10
CA ALA B 103 -3.74 0.49 24.31
C ALA B 103 -3.77 1.36 23.06
N SER B 104 -4.96 1.84 22.68
CA SER B 104 -5.10 2.67 21.48
C SER B 104 -4.67 4.12 21.68
N ARG B 105 -3.58 4.50 21.03
CA ARG B 105 -3.07 5.86 21.14
C ARG B 105 -3.99 6.79 20.34
N THR B 106 -4.67 6.20 19.37
CA THR B 106 -5.60 6.90 18.48
C THR B 106 -6.72 7.61 19.25
N LYS B 107 -7.23 6.95 20.29
CA LYS B 107 -8.31 7.51 21.09
C LYS B 107 -8.06 7.50 22.60
N VAL B 108 -6.89 8.00 22.99
CA VAL B 108 -6.49 8.05 24.40
C VAL B 108 -7.24 9.13 25.20
N GLU B 109 -7.25 10.36 24.71
CA GLU B 109 -7.95 11.43 25.41
C GLU B 109 -9.39 11.04 25.66
N ASP B 110 -9.93 10.28 24.74
CA ASP B 110 -11.31 9.81 24.84
C ASP B 110 -11.39 8.84 26.03
N THR B 111 -10.35 8.03 26.19
CA THR B 111 -10.25 7.09 27.28
C THR B 111 -10.21 7.83 28.60
N ARG B 112 -9.47 8.93 28.64
CA ARG B 112 -9.37 9.66 29.89
C ARG B 112 -10.64 10.46 30.18
N ASP B 113 -11.38 10.80 29.14
CA ASP B 113 -12.64 11.53 29.30
C ASP B 113 -13.71 10.59 29.89
N LEU B 114 -13.90 9.45 29.23
CA LEU B 114 -14.90 8.48 29.64
C LEU B 114 -14.74 8.00 31.09
N LEU B 115 -13.53 7.67 31.48
CA LEU B 115 -13.27 7.21 32.84
C LEU B 115 -13.43 8.31 33.90
N ASP B 116 -13.36 9.58 33.49
CA ASP B 116 -13.53 10.67 34.44
C ASP B 116 -15.00 11.11 34.47
N ASN B 117 -15.77 10.66 33.48
CA ASN B 117 -17.18 11.02 33.37
C ASN B 117 -18.03 9.77 33.17
N VAL B 118 -18.08 8.94 34.21
CA VAL B 118 -18.83 7.70 34.14
C VAL B 118 -20.32 7.98 33.96
N GLN B 119 -20.95 7.17 33.12
CA GLN B 119 -22.38 7.30 32.87
C GLN B 119 -23.07 6.32 33.81
N TYR B 120 -23.60 6.83 34.91
CA TYR B 120 -24.25 6.01 35.91
C TYR B 120 -25.65 5.54 35.57
N ALA B 121 -26.30 6.21 34.63
CA ALA B 121 -27.67 5.85 34.29
C ALA B 121 -27.88 5.17 32.96
N PRO B 122 -28.14 3.85 32.98
CA PRO B 122 -28.37 3.10 31.75
C PRO B 122 -29.51 3.72 30.97
N ALA B 123 -29.46 3.61 29.65
CA ALA B 123 -30.50 4.16 28.81
C ALA B 123 -31.42 3.07 28.30
N ARG B 124 -30.85 2.08 27.63
CA ARG B 124 -31.62 0.98 27.07
C ARG B 124 -31.54 -0.37 27.77
N GLY B 125 -30.38 -0.69 28.32
CA GLY B 125 -30.20 -1.95 29.01
C GLY B 125 -30.37 -1.77 30.50
N ARG B 126 -30.38 -2.87 31.25
CA ARG B 126 -30.53 -2.76 32.69
C ARG B 126 -29.20 -2.36 33.32
N PHE B 127 -28.15 -2.41 32.52
CA PHE B 127 -26.83 -2.04 33.00
C PHE B 127 -26.06 -1.18 31.99
N LYS B 128 -25.22 -0.31 32.51
CA LYS B 128 -24.33 0.52 31.68
C LYS B 128 -23.07 -0.33 31.82
N VAL B 129 -22.50 -0.77 30.70
CA VAL B 129 -21.32 -1.63 30.78
C VAL B 129 -20.05 -1.08 30.14
N TYR B 130 -18.98 -1.08 30.92
CA TYR B 130 -17.69 -0.62 30.43
C TYR B 130 -16.79 -1.79 30.16
N LEU B 131 -16.30 -1.87 28.92
CA LEU B 131 -15.40 -2.93 28.53
C LEU B 131 -14.04 -2.28 28.29
N ILE B 132 -13.07 -2.60 29.13
CA ILE B 132 -11.73 -2.03 29.05
C ILE B 132 -10.64 -3.05 28.69
N ASP B 133 -10.14 -2.96 27.46
CA ASP B 133 -9.11 -3.87 26.99
C ASP B 133 -7.71 -3.37 27.39
N GLU B 134 -6.84 -4.29 27.78
CA GLU B 134 -5.48 -3.97 28.22
C GLU B 134 -5.53 -2.86 29.27
N VAL B 135 -6.31 -3.13 30.33
CA VAL B 135 -6.50 -2.19 31.43
C VAL B 135 -5.21 -1.80 32.13
N HIS B 136 -4.21 -2.68 32.08
CA HIS B 136 -2.92 -2.40 32.71
C HIS B 136 -2.20 -1.29 31.95
N MET B 137 -2.69 -0.98 30.75
CA MET B 137 -2.07 0.05 29.93
C MET B 137 -2.50 1.48 30.31
N LEU B 138 -3.60 1.61 31.04
CA LEU B 138 -4.09 2.92 31.44
C LEU B 138 -3.02 3.79 32.10
N SER B 139 -3.11 5.10 31.87
CA SER B 139 -2.17 6.05 32.46
C SER B 139 -2.46 6.08 33.95
N ARG B 140 -1.53 6.63 34.72
CA ARG B 140 -1.68 6.72 36.16
C ARG B 140 -3.00 7.37 36.55
N HIS B 141 -3.28 8.54 35.98
CA HIS B 141 -4.50 9.28 36.27
C HIS B 141 -5.78 8.51 35.93
N SER B 142 -5.82 7.89 34.76
CA SER B 142 -7.01 7.16 34.34
C SER B 142 -7.14 5.85 35.10
N PHE B 143 -6.01 5.30 35.51
CA PHE B 143 -6.04 4.07 36.27
C PHE B 143 -6.68 4.35 37.62
N ASN B 144 -6.24 5.41 38.31
CA ASN B 144 -6.83 5.75 39.60
C ASN B 144 -8.28 6.21 39.45
N ALA B 145 -8.62 6.78 38.30
CA ALA B 145 -9.99 7.19 38.08
C ALA B 145 -10.86 5.93 38.06
N LEU B 146 -10.31 4.84 37.52
CA LEU B 146 -11.01 3.56 37.44
C LEU B 146 -11.13 2.90 38.81
N LEU B 147 -10.05 2.98 39.58
CA LEU B 147 -10.01 2.39 40.91
C LEU B 147 -11.04 3.12 41.78
N LYS B 148 -10.99 4.44 41.74
CA LYS B 148 -11.89 5.30 42.48
C LYS B 148 -13.33 4.82 42.30
N THR B 149 -13.69 4.54 41.05
CA THR B 149 -15.03 4.08 40.70
C THR B 149 -15.35 2.66 41.21
N LEU B 150 -14.34 1.80 41.23
CA LEU B 150 -14.56 0.43 41.69
C LEU B 150 -14.61 0.37 43.22
N GLU B 151 -13.99 1.35 43.89
CA GLU B 151 -13.98 1.38 45.34
C GLU B 151 -15.37 1.81 45.85
N GLU B 152 -16.07 2.55 45.02
CA GLU B 152 -17.42 3.06 45.31
C GLU B 152 -18.37 2.67 44.16
N PRO B 153 -18.63 1.36 43.98
CA PRO B 153 -19.46 0.72 42.98
C PRO B 153 -20.84 1.20 42.68
N PRO B 154 -20.98 1.93 41.56
CA PRO B 154 -22.30 2.43 41.17
C PRO B 154 -23.27 1.26 41.01
N GLU B 155 -24.57 1.53 41.16
CA GLU B 155 -25.60 0.49 41.09
C GLU B 155 -25.82 -0.22 39.74
N HIS B 156 -25.96 0.55 38.66
CA HIS B 156 -26.22 -0.05 37.35
C HIS B 156 -25.03 -0.04 36.40
N VAL B 157 -23.83 0.04 36.96
CA VAL B 157 -22.63 0.06 36.13
C VAL B 157 -21.78 -1.19 36.32
N LYS B 158 -21.33 -1.77 35.22
CA LYS B 158 -20.49 -2.98 35.24
C LYS B 158 -19.18 -2.73 34.53
N PHE B 159 -18.09 -3.18 35.14
CA PHE B 159 -16.76 -3.04 34.58
C PHE B 159 -16.14 -4.37 34.17
N LEU B 160 -16.09 -4.60 32.85
CA LEU B 160 -15.51 -5.81 32.30
C LEU B 160 -14.12 -5.45 31.82
N LEU B 161 -13.11 -5.99 32.50
CA LEU B 161 -11.72 -5.70 32.20
C LEU B 161 -10.97 -6.88 31.59
N ALA B 162 -10.02 -6.59 30.71
CA ALA B 162 -9.19 -7.63 30.09
C ALA B 162 -7.75 -7.15 30.14
N THR B 163 -6.82 -8.07 30.27
CA THR B 163 -5.40 -7.73 30.33
C THR B 163 -4.53 -8.95 30.03
N THR B 164 -3.42 -8.71 29.33
CA THR B 164 -2.48 -9.76 29.00
C THR B 164 -1.35 -9.74 30.03
N ASP B 165 -1.38 -8.74 30.91
CA ASP B 165 -0.37 -8.60 31.95
C ASP B 165 -1.00 -8.26 33.31
N PRO B 166 -1.60 -9.27 33.97
CA PRO B 166 -2.27 -9.17 35.28
C PRO B 166 -1.38 -8.75 36.44
N GLN B 167 -0.15 -9.27 36.46
CA GLN B 167 0.82 -8.96 37.50
C GLN B 167 1.01 -7.45 37.68
N LYS B 168 0.74 -6.68 36.63
CA LYS B 168 0.89 -5.23 36.68
C LYS B 168 -0.27 -4.56 37.39
N LEU B 169 -1.30 -5.34 37.74
CA LEU B 169 -2.45 -4.77 38.42
C LEU B 169 -2.37 -4.88 39.93
N PRO B 170 -2.56 -3.74 40.63
CA PRO B 170 -2.54 -3.63 42.09
C PRO B 170 -3.49 -4.64 42.72
N VAL B 171 -3.32 -4.93 44.01
CA VAL B 171 -4.21 -5.85 44.69
C VAL B 171 -5.51 -5.11 44.95
N THR B 172 -5.40 -3.78 45.05
CA THR B 172 -6.57 -2.93 45.28
C THR B 172 -7.56 -3.07 44.13
N ILE B 173 -7.06 -3.32 42.93
CA ILE B 173 -7.92 -3.48 41.78
C ILE B 173 -8.33 -4.94 41.61
N LEU B 174 -7.35 -5.84 41.62
CA LEU B 174 -7.62 -7.26 41.48
C LEU B 174 -8.63 -7.73 42.51
N SER B 175 -8.47 -7.27 43.75
CA SER B 175 -9.36 -7.67 44.83
C SER B 175 -10.82 -7.30 44.58
N ARG B 176 -11.07 -6.32 43.72
CA ARG B 176 -12.43 -5.91 43.43
C ARG B 176 -12.99 -6.48 42.13
N CYS B 177 -12.39 -7.56 41.64
CA CYS B 177 -12.83 -8.20 40.41
C CYS B 177 -12.96 -9.71 40.53
N LEU B 178 -14.00 -10.26 39.93
CA LEU B 178 -14.15 -11.70 39.90
C LEU B 178 -13.22 -12.05 38.74
N GLN B 179 -12.13 -12.75 39.05
CA GLN B 179 -11.14 -13.10 38.05
C GLN B 179 -11.35 -14.40 37.28
N PHE B 180 -10.93 -14.36 36.01
CA PHE B 180 -11.00 -15.49 35.09
C PHE B 180 -9.73 -15.49 34.28
N HIS B 181 -9.04 -16.63 34.23
CA HIS B 181 -7.80 -16.73 33.49
C HIS B 181 -7.95 -17.71 32.33
N LEU B 182 -7.99 -17.17 31.12
CA LEU B 182 -8.13 -17.97 29.93
C LEU B 182 -6.84 -18.69 29.61
N LYS B 183 -6.97 -19.94 29.18
CA LYS B 183 -5.81 -20.75 28.85
C LYS B 183 -5.37 -20.48 27.43
N ALA B 184 -4.12 -20.82 27.14
CA ALA B 184 -3.58 -20.63 25.80
C ALA B 184 -4.26 -21.67 24.91
N LEU B 185 -4.44 -21.33 23.64
CA LEU B 185 -5.07 -22.25 22.71
C LEU B 185 -3.98 -22.99 21.96
N ASP B 186 -4.06 -24.31 21.93
CA ASP B 186 -3.04 -25.07 21.22
C ASP B 186 -3.39 -25.24 19.74
N VAL B 187 -2.43 -25.74 18.97
CA VAL B 187 -2.59 -25.93 17.53
C VAL B 187 -3.86 -26.64 17.08
N GLU B 188 -4.20 -27.77 17.69
CA GLU B 188 -5.41 -28.49 17.29
C GLU B 188 -6.68 -27.69 17.50
N GLN B 189 -6.73 -26.98 18.62
CA GLN B 189 -7.91 -26.17 18.92
C GLN B 189 -8.05 -25.08 17.86
N ILE B 190 -6.94 -24.45 17.51
CA ILE B 190 -6.95 -23.39 16.50
C ILE B 190 -7.29 -23.95 15.12
N ARG B 191 -6.62 -25.04 14.76
CA ARG B 191 -6.81 -25.71 13.49
C ARG B 191 -8.26 -26.16 13.28
N HIS B 192 -8.88 -26.68 14.32
CA HIS B 192 -10.26 -27.14 14.25
C HIS B 192 -11.22 -25.98 13.98
N GLN B 193 -10.96 -24.84 14.61
CA GLN B 193 -11.79 -23.65 14.43
C GLN B 193 -11.60 -23.11 13.00
N LEU B 194 -10.40 -23.24 12.47
CA LEU B 194 -10.17 -22.79 11.09
C LEU B 194 -10.96 -23.68 10.12
N GLU B 195 -11.06 -24.97 10.42
CA GLU B 195 -11.80 -25.92 9.59
C GLU B 195 -13.27 -25.56 9.59
N HIS B 196 -13.81 -25.35 10.79
CA HIS B 196 -15.21 -24.99 10.98
C HIS B 196 -15.55 -23.73 10.17
N ILE B 197 -14.73 -22.70 10.31
CA ILE B 197 -14.97 -21.43 9.61
C ILE B 197 -14.87 -21.54 8.09
N LEU B 198 -13.82 -22.18 7.59
CA LEU B 198 -13.69 -22.32 6.15
C LEU B 198 -14.81 -23.18 5.57
N ASN B 199 -15.23 -24.20 6.30
CA ASN B 199 -16.32 -25.06 5.82
C ASN B 199 -17.60 -24.22 5.73
N GLU B 200 -17.89 -23.47 6.78
CA GLU B 200 -19.09 -22.63 6.80
C GLU B 200 -19.01 -21.53 5.74
N GLU B 201 -17.80 -21.11 5.40
CA GLU B 201 -17.58 -20.05 4.40
C GLU B 201 -17.56 -20.62 2.98
N HIS B 202 -17.43 -21.93 2.85
CA HIS B 202 -17.37 -22.61 1.56
C HIS B 202 -16.13 -22.25 0.79
N ILE B 203 -15.04 -22.04 1.53
CA ILE B 203 -13.77 -21.71 0.94
C ILE B 203 -12.93 -22.98 0.91
N ALA B 204 -12.40 -23.32 -0.27
CA ALA B 204 -11.59 -24.52 -0.42
C ALA B 204 -10.31 -24.40 0.39
N HIS B 205 -9.92 -25.49 1.04
CA HIS B 205 -8.71 -25.49 1.85
C HIS B 205 -8.12 -26.88 1.95
N GLU B 206 -6.79 -26.94 2.07
CA GLU B 206 -6.10 -28.23 2.22
C GLU B 206 -5.72 -28.34 3.68
N PRO B 207 -6.03 -29.50 4.30
CA PRO B 207 -5.74 -29.79 5.71
C PRO B 207 -4.34 -29.41 6.18
N ARG B 208 -3.33 -29.68 5.36
CA ARG B 208 -1.97 -29.36 5.72
C ARG B 208 -1.77 -27.85 5.86
N ALA B 209 -2.43 -27.08 5.00
CA ALA B 209 -2.30 -25.63 5.07
C ALA B 209 -2.82 -25.10 6.40
N LEU B 210 -3.98 -25.61 6.84
CA LEU B 210 -4.56 -25.18 8.10
C LEU B 210 -3.69 -25.52 9.30
N GLN B 211 -2.99 -26.64 9.22
CA GLN B 211 -2.10 -27.04 10.32
C GLN B 211 -0.96 -26.02 10.37
N LEU B 212 -0.47 -25.64 9.20
CA LEU B 212 0.62 -24.68 9.09
C LEU B 212 0.23 -23.31 9.66
N LEU B 213 -1.00 -22.91 9.38
CA LEU B 213 -1.52 -21.63 9.84
C LEU B 213 -1.70 -21.65 11.36
N ALA B 214 -2.30 -22.72 11.85
CA ALA B 214 -2.53 -22.87 13.28
C ALA B 214 -1.21 -22.85 14.05
N ARG B 215 -0.16 -23.36 13.43
CA ARG B 215 1.17 -23.39 14.07
C ARG B 215 1.88 -22.05 14.03
N ALA B 216 1.56 -21.24 13.02
CA ALA B 216 2.19 -19.94 12.86
C ALA B 216 1.44 -18.89 13.68
N ALA B 217 0.26 -19.27 14.17
CA ALA B 217 -0.56 -18.36 14.96
C ALA B 217 0.02 -18.17 16.36
N GLU B 218 0.88 -19.11 16.77
CA GLU B 218 1.50 -19.08 18.08
C GLU B 218 0.53 -18.86 19.24
N GLY B 219 -0.50 -19.71 19.30
CA GLY B 219 -1.48 -19.65 20.37
C GLY B 219 -2.57 -18.61 20.24
N SER B 220 -2.45 -17.75 19.24
CA SER B 220 -3.43 -16.68 19.02
C SER B 220 -4.42 -17.02 17.92
N LEU B 221 -5.69 -17.21 18.29
CA LEU B 221 -6.71 -17.51 17.29
C LEU B 221 -6.97 -16.26 16.47
N ARG B 222 -6.67 -15.11 17.05
CA ARG B 222 -6.86 -13.84 16.35
C ARG B 222 -5.86 -13.77 15.20
N ASP B 223 -4.60 -14.09 15.50
CA ASP B 223 -3.58 -14.07 14.46
C ASP B 223 -3.81 -15.17 13.44
N ALA B 224 -4.43 -16.26 13.86
CA ALA B 224 -4.71 -17.37 12.96
C ALA B 224 -5.69 -16.91 11.88
N LEU B 225 -6.77 -16.27 12.32
CA LEU B 225 -7.80 -15.78 11.41
C LEU B 225 -7.24 -14.70 10.49
N SER B 226 -6.39 -13.84 11.04
CA SER B 226 -5.76 -12.78 10.26
C SER B 226 -4.89 -13.40 9.17
N LEU B 227 -4.11 -14.41 9.54
CA LEU B 227 -3.24 -15.10 8.58
C LEU B 227 -4.07 -15.87 7.54
N THR B 228 -5.17 -16.46 7.97
CA THR B 228 -6.05 -17.19 7.07
C THR B 228 -6.63 -16.23 6.06
N ASP B 229 -7.08 -15.07 6.54
CA ASP B 229 -7.65 -14.04 5.67
C ASP B 229 -6.65 -13.62 4.60
N GLN B 230 -5.39 -13.45 5.00
CA GLN B 230 -4.35 -13.06 4.06
C GLN B 230 -4.03 -14.21 3.10
N ALA B 231 -4.11 -15.44 3.60
CA ALA B 231 -3.83 -16.60 2.79
C ALA B 231 -4.85 -16.69 1.66
N ILE B 232 -6.11 -16.48 2.00
CA ILE B 232 -7.21 -16.51 1.04
C ILE B 232 -7.01 -15.38 0.03
N ALA B 233 -6.91 -14.16 0.54
CA ALA B 233 -6.73 -12.99 -0.29
C ALA B 233 -5.53 -13.10 -1.22
N SER B 234 -4.44 -13.68 -0.73
CA SER B 234 -3.26 -13.80 -1.57
C SER B 234 -3.13 -15.14 -2.29
N GLY B 235 -4.04 -16.06 -2.03
CA GLY B 235 -3.96 -17.36 -2.65
C GLY B 235 -5.15 -17.75 -3.50
N ASP B 236 -5.41 -16.96 -4.53
CA ASP B 236 -6.50 -17.24 -5.45
C ASP B 236 -7.83 -17.64 -4.81
N GLY B 237 -8.15 -17.06 -3.66
CA GLY B 237 -9.44 -17.35 -3.03
C GLY B 237 -9.60 -18.67 -2.32
N GLN B 238 -8.49 -19.38 -2.09
CA GLN B 238 -8.52 -20.66 -1.40
C GLN B 238 -7.32 -20.72 -0.47
N VAL B 239 -7.23 -21.77 0.34
CA VAL B 239 -6.09 -21.89 1.24
C VAL B 239 -5.36 -23.18 0.91
N SER B 240 -4.30 -23.04 0.12
CA SER B 240 -3.50 -24.20 -0.30
C SER B 240 -2.16 -24.25 0.41
N THR B 241 -1.66 -25.48 0.62
CA THR B 241 -0.40 -25.67 1.30
C THR B 241 0.77 -24.91 0.67
N GLN B 242 0.88 -24.96 -0.66
CA GLN B 242 1.98 -24.24 -1.32
C GLN B 242 1.92 -22.74 -1.09
N ALA B 243 0.76 -22.14 -1.34
CA ALA B 243 0.58 -20.70 -1.15
C ALA B 243 0.90 -20.35 0.29
N VAL B 244 0.22 -21.02 1.22
CA VAL B 244 0.43 -20.77 2.64
C VAL B 244 1.90 -20.94 3.03
N SER B 245 2.50 -22.05 2.61
CA SER B 245 3.90 -22.32 2.91
C SER B 245 4.80 -21.19 2.42
N ALA B 246 4.46 -20.61 1.28
CA ALA B 246 5.22 -19.51 0.69
C ALA B 246 5.00 -18.20 1.45
N MET B 247 3.75 -17.94 1.79
CA MET B 247 3.37 -16.76 2.53
C MET B 247 4.11 -16.67 3.86
N LEU B 248 4.04 -17.76 4.64
CA LEU B 248 4.69 -17.82 5.95
C LEU B 248 6.20 -17.76 5.75
N GLY B 249 6.62 -18.15 4.56
CA GLY B 249 8.01 -18.10 4.18
C GLY B 249 9.06 -19.09 4.69
N THR B 250 10.31 -18.66 4.51
CA THR B 250 11.52 -19.38 4.87
C THR B 250 11.55 -20.83 4.42
N VAL C 12 -8.08 -9.19 -36.21
CA VAL C 12 -6.98 -10.18 -36.00
C VAL C 12 -7.46 -11.30 -35.09
N LEU C 13 -6.98 -12.52 -35.32
CA LEU C 13 -7.37 -13.68 -34.53
C LEU C 13 -7.42 -13.39 -33.04
N ALA C 14 -6.35 -12.82 -32.51
CA ALA C 14 -6.29 -12.51 -31.09
C ALA C 14 -7.51 -11.73 -30.60
N ARG C 15 -8.03 -10.80 -31.40
CA ARG C 15 -9.18 -10.02 -30.98
C ARG C 15 -10.49 -10.73 -31.27
N LYS C 16 -10.60 -11.34 -32.44
CA LYS C 16 -11.80 -12.06 -32.82
C LYS C 16 -12.07 -13.25 -31.92
N TRP C 17 -11.02 -13.80 -31.33
CA TRP C 17 -11.16 -14.95 -30.45
C TRP C 17 -10.98 -14.69 -28.95
N ARG C 18 -11.18 -13.45 -28.54
CA ARG C 18 -11.08 -13.11 -27.12
C ARG C 18 -12.29 -13.74 -26.45
N PRO C 19 -12.10 -14.44 -25.33
CA PRO C 19 -13.21 -15.09 -24.63
C PRO C 19 -14.39 -14.18 -24.37
N GLN C 20 -15.59 -14.65 -24.72
CA GLN C 20 -16.82 -13.88 -24.52
C GLN C 20 -17.51 -14.39 -23.26
N THR C 21 -17.13 -15.59 -22.83
CA THR C 21 -17.69 -16.22 -21.64
C THR C 21 -16.55 -16.93 -20.89
N PHE C 22 -16.80 -17.32 -19.65
CA PHE C 22 -15.79 -18.02 -18.87
C PHE C 22 -15.48 -19.38 -19.47
N ALA C 23 -16.51 -20.04 -20.01
CA ALA C 23 -16.34 -21.35 -20.62
C ALA C 23 -15.40 -21.25 -21.81
N ASP C 24 -15.29 -20.06 -22.41
CA ASP C 24 -14.40 -19.89 -23.56
C ASP C 24 -12.94 -19.67 -23.17
N VAL C 25 -12.68 -19.46 -21.88
CA VAL C 25 -11.31 -19.24 -21.42
C VAL C 25 -10.54 -20.55 -21.41
N VAL C 26 -9.29 -20.51 -21.87
CA VAL C 26 -8.45 -21.70 -21.90
C VAL C 26 -7.60 -21.76 -20.62
N GLY C 27 -7.55 -22.92 -19.98
CA GLY C 27 -6.78 -23.06 -18.76
C GLY C 27 -7.32 -22.21 -17.61
N GLN C 28 -6.47 -21.91 -16.63
CA GLN C 28 -6.85 -21.10 -15.47
C GLN C 28 -8.12 -21.56 -14.77
N GLU C 29 -8.29 -22.88 -14.66
CA GLU C 29 -9.45 -23.45 -14.00
C GLU C 29 -9.66 -22.92 -12.58
N HIS C 30 -8.61 -22.87 -11.77
CA HIS C 30 -8.73 -22.40 -10.39
C HIS C 30 -9.18 -20.96 -10.27
N VAL C 31 -8.92 -20.16 -11.30
CA VAL C 31 -9.32 -18.77 -11.27
C VAL C 31 -10.80 -18.64 -11.62
N LEU C 32 -11.25 -19.32 -12.67
CA LEU C 32 -12.65 -19.24 -13.08
C LEU C 32 -13.63 -19.82 -12.05
N THR C 33 -13.24 -20.90 -11.39
CA THR C 33 -14.09 -21.53 -10.38
C THR C 33 -14.27 -20.59 -9.20
N ALA C 34 -13.16 -20.08 -8.68
CA ALA C 34 -13.18 -19.15 -7.55
C ALA C 34 -14.06 -17.98 -7.93
N LEU C 35 -13.75 -17.34 -9.05
CA LEU C 35 -14.53 -16.19 -9.50
C LEU C 35 -16.03 -16.50 -9.61
N ALA C 36 -16.37 -17.62 -10.25
CA ALA C 36 -17.78 -17.99 -10.41
C ALA C 36 -18.46 -18.19 -9.06
N ASN C 37 -17.83 -18.93 -8.16
CA ASN C 37 -18.42 -19.15 -6.83
C ASN C 37 -18.63 -17.80 -6.17
N GLY C 38 -17.61 -16.95 -6.24
CA GLY C 38 -17.69 -15.63 -5.64
C GLY C 38 -18.88 -14.85 -6.17
N LEU C 39 -19.05 -14.88 -7.49
CA LEU C 39 -20.16 -14.18 -8.11
C LEU C 39 -21.46 -14.88 -7.75
N SER C 40 -21.49 -16.20 -7.93
CA SER C 40 -22.68 -17.00 -7.63
C SER C 40 -23.15 -16.84 -6.19
N LEU C 41 -22.20 -16.90 -5.25
CA LEU C 41 -22.53 -16.76 -3.84
C LEU C 41 -22.84 -15.30 -3.53
N GLY C 42 -21.80 -14.47 -3.48
CA GLY C 42 -22.01 -13.06 -3.20
C GLY C 42 -20.82 -12.45 -2.51
N ARG C 43 -19.68 -13.13 -2.54
CA ARG C 43 -18.48 -12.59 -1.92
C ARG C 43 -18.29 -11.20 -2.52
N ILE C 44 -18.27 -10.19 -1.64
CA ILE C 44 -18.10 -8.82 -2.07
C ILE C 44 -16.63 -8.45 -1.95
N HIS C 45 -15.97 -8.37 -3.10
CA HIS C 45 -14.58 -8.01 -3.16
C HIS C 45 -14.52 -6.63 -3.81
N HIS C 46 -13.80 -5.72 -3.18
CA HIS C 46 -13.67 -4.37 -3.69
C HIS C 46 -12.56 -4.27 -4.74
N ALA C 47 -11.58 -5.16 -4.64
CA ALA C 47 -10.47 -5.15 -5.58
C ALA C 47 -10.01 -6.55 -5.98
N TYR C 48 -9.62 -6.70 -7.24
CA TYR C 48 -9.15 -7.99 -7.76
C TYR C 48 -7.82 -7.77 -8.45
N LEU C 49 -6.85 -8.66 -8.22
CA LEU C 49 -5.55 -8.54 -8.86
C LEU C 49 -5.23 -9.80 -9.64
N PHE C 50 -5.07 -9.65 -10.94
CA PHE C 50 -4.75 -10.76 -11.82
C PHE C 50 -3.30 -10.60 -12.23
N SER C 51 -2.47 -11.58 -11.89
CA SER C 51 -1.06 -11.49 -12.24
C SER C 51 -0.63 -12.72 -13.02
N GLY C 52 0.48 -12.58 -13.74
CA GLY C 52 1.01 -13.67 -14.54
C GLY C 52 1.71 -13.08 -15.76
N THR C 53 2.39 -13.92 -16.54
CA THR C 53 3.10 -13.47 -17.74
C THR C 53 2.11 -12.99 -18.82
N ARG C 54 2.62 -12.22 -19.79
CA ARG C 54 1.79 -11.68 -20.89
C ARG C 54 1.13 -12.71 -21.82
N GLY C 55 -0.07 -12.37 -22.31
CA GLY C 55 -0.78 -13.24 -23.24
C GLY C 55 -1.33 -14.52 -22.64
N VAL C 56 -1.62 -14.48 -21.35
CA VAL C 56 -2.13 -15.66 -20.66
C VAL C 56 -3.62 -15.56 -20.30
N GLY C 57 -4.18 -14.36 -20.40
CA GLY C 57 -5.61 -14.20 -20.12
C GLY C 57 -6.02 -13.31 -18.96
N LYS C 58 -5.08 -12.55 -18.41
CA LYS C 58 -5.38 -11.66 -17.29
C LYS C 58 -6.50 -10.67 -17.59
N THR C 59 -6.34 -9.84 -18.62
CA THR C 59 -7.37 -8.87 -18.95
C THR C 59 -8.62 -9.52 -19.52
N SER C 60 -8.45 -10.62 -20.26
CA SER C 60 -9.63 -11.32 -20.79
C SER C 60 -10.55 -11.69 -19.61
N ILE C 61 -9.98 -12.32 -18.60
CA ILE C 61 -10.77 -12.73 -17.44
C ILE C 61 -11.32 -11.51 -16.69
N ALA C 62 -10.50 -10.48 -16.51
CA ALA C 62 -10.95 -9.27 -15.81
C ALA C 62 -12.17 -8.67 -16.49
N ARG C 63 -12.14 -8.65 -17.82
CA ARG C 63 -13.22 -8.10 -18.60
C ARG C 63 -14.47 -8.95 -18.44
N LEU C 64 -14.31 -10.26 -18.42
CA LEU C 64 -15.46 -11.14 -18.25
C LEU C 64 -16.03 -10.88 -16.85
N LEU C 65 -15.14 -10.61 -15.89
CA LEU C 65 -15.58 -10.33 -14.53
C LEU C 65 -16.40 -9.05 -14.52
N ALA C 66 -15.97 -8.07 -15.30
CA ALA C 66 -16.70 -6.80 -15.36
C ALA C 66 -18.09 -7.02 -15.94
N LYS C 67 -18.18 -7.93 -16.92
CA LYS C 67 -19.45 -8.24 -17.52
C LYS C 67 -20.37 -8.88 -16.48
N GLY C 68 -19.86 -9.91 -15.79
CA GLY C 68 -20.65 -10.58 -14.77
C GLY C 68 -21.16 -9.65 -13.68
N LEU C 69 -20.33 -8.69 -13.29
CA LEU C 69 -20.71 -7.74 -12.25
C LEU C 69 -21.74 -6.70 -12.70
N ASN C 70 -21.69 -6.30 -13.96
CA ASN C 70 -22.62 -5.28 -14.44
C ASN C 70 -23.70 -5.76 -15.40
N CYS C 71 -23.86 -7.08 -15.55
CA CYS C 71 -24.87 -7.60 -16.46
C CYS C 71 -26.26 -7.15 -16.01
N GLU C 72 -27.02 -6.60 -16.96
CA GLU C 72 -28.36 -6.10 -16.69
C GLU C 72 -29.34 -7.14 -16.14
N THR C 73 -28.98 -8.41 -16.25
CA THR C 73 -29.85 -9.49 -15.74
C THR C 73 -29.55 -9.74 -14.27
N GLY C 74 -28.46 -9.17 -13.77
CA GLY C 74 -28.08 -9.33 -12.37
C GLY C 74 -26.64 -9.78 -12.23
N ILE C 75 -26.08 -9.68 -11.04
CA ILE C 75 -24.71 -10.13 -10.81
C ILE C 75 -24.68 -11.62 -11.14
N THR C 76 -23.81 -12.03 -12.05
CA THR C 76 -23.74 -13.44 -12.43
C THR C 76 -22.38 -13.98 -12.86
N ALA C 77 -22.22 -15.29 -12.75
CA ALA C 77 -21.00 -15.97 -13.14
C ALA C 77 -21.11 -16.27 -14.63
N THR C 78 -22.29 -16.01 -15.17
CA THR C 78 -22.52 -16.26 -16.59
C THR C 78 -23.18 -15.06 -17.29
N PRO C 79 -22.42 -13.97 -17.48
CA PRO C 79 -22.92 -12.76 -18.15
C PRO C 79 -23.67 -13.17 -19.42
N CYS C 80 -24.77 -12.49 -19.73
CA CYS C 80 -25.52 -12.88 -20.92
C CYS C 80 -24.87 -12.51 -22.26
N GLY C 81 -24.08 -11.45 -22.28
CA GLY C 81 -23.42 -11.01 -23.49
C GLY C 81 -24.42 -10.55 -24.54
N VAL C 82 -25.64 -10.26 -24.09
CA VAL C 82 -26.70 -9.83 -25.00
C VAL C 82 -27.38 -8.53 -24.55
N CYS C 83 -27.23 -8.17 -23.28
CA CYS C 83 -27.81 -6.92 -22.81
C CYS C 83 -26.82 -5.86 -23.29
N ASP C 84 -27.22 -4.59 -23.30
CA ASP C 84 -26.32 -3.56 -23.78
C ASP C 84 -25.15 -3.27 -22.86
N ASN C 85 -25.28 -3.64 -21.58
CA ASN C 85 -24.18 -3.46 -20.64
C ASN C 85 -23.05 -4.41 -21.08
N CYS C 86 -23.40 -5.68 -21.32
CA CYS C 86 -22.43 -6.68 -21.78
C CYS C 86 -21.90 -6.31 -23.16
N ARG C 87 -22.83 -5.96 -24.04
CA ARG C 87 -22.51 -5.60 -25.41
C ARG C 87 -21.49 -4.45 -25.48
N GLU C 88 -21.75 -3.39 -24.74
CA GLU C 88 -20.86 -2.22 -24.72
C GLU C 88 -19.51 -2.50 -24.06
N ILE C 89 -19.50 -3.38 -23.06
CA ILE C 89 -18.26 -3.74 -22.39
C ILE C 89 -17.38 -4.50 -23.36
N GLU C 90 -18.01 -5.41 -24.11
CA GLU C 90 -17.32 -6.21 -25.10
C GLU C 90 -16.72 -5.28 -26.15
N GLN C 91 -17.46 -4.22 -26.47
CA GLN C 91 -17.02 -3.23 -27.46
C GLN C 91 -16.09 -2.21 -26.82
N GLY C 92 -15.90 -2.34 -25.50
CA GLY C 92 -15.01 -1.43 -24.79
C GLY C 92 -15.49 0.00 -24.81
N ARG C 93 -16.80 0.19 -24.68
CA ARG C 93 -17.35 1.53 -24.68
C ARG C 93 -18.48 1.67 -23.65
N PHE C 94 -18.28 1.09 -22.47
CA PHE C 94 -19.27 1.14 -21.41
C PHE C 94 -18.97 2.25 -20.41
N VAL C 95 -19.93 3.16 -20.23
CA VAL C 95 -19.77 4.27 -19.31
C VAL C 95 -19.20 3.83 -17.96
N ASP C 96 -19.70 2.71 -17.44
CA ASP C 96 -19.24 2.25 -16.13
C ASP C 96 -18.10 1.26 -16.10
N LEU C 97 -17.22 1.37 -17.08
CA LEU C 97 -16.04 0.52 -17.17
C LEU C 97 -14.93 1.41 -17.68
N ILE C 98 -14.16 1.97 -16.76
CA ILE C 98 -13.07 2.85 -17.13
C ILE C 98 -11.80 2.03 -17.29
N GLU C 99 -11.26 2.01 -18.49
CA GLU C 99 -10.05 1.25 -18.78
C GLU C 99 -8.81 2.10 -18.74
N ILE C 100 -8.09 2.02 -17.63
CA ILE C 100 -6.86 2.79 -17.40
C ILE C 100 -5.62 1.95 -17.69
N ASP C 101 -4.84 2.37 -18.67
CA ASP C 101 -3.61 1.68 -19.03
C ASP C 101 -2.48 2.46 -18.38
N ALA C 102 -2.00 1.95 -17.24
CA ALA C 102 -0.93 2.59 -16.50
C ALA C 102 0.42 2.61 -17.24
N ALA C 103 0.54 1.78 -18.27
CA ALA C 103 1.77 1.71 -19.05
C ALA C 103 1.84 2.78 -20.14
N SER C 104 0.73 3.50 -20.34
CA SER C 104 0.67 4.52 -21.37
C SER C 104 1.59 5.72 -21.15
N ARG C 105 2.40 6.02 -22.16
CA ARG C 105 3.31 7.14 -22.11
C ARG C 105 2.54 8.45 -22.14
N THR C 106 1.66 8.55 -23.13
CA THR C 106 0.84 9.74 -23.35
C THR C 106 -0.41 9.78 -22.48
N LYS C 107 -0.27 9.48 -21.19
CA LYS C 107 -1.41 9.49 -20.27
C LYS C 107 -0.97 9.86 -18.85
N VAL C 108 -1.39 11.03 -18.40
CA VAL C 108 -1.07 11.51 -17.06
C VAL C 108 -2.34 11.90 -16.31
N GLU C 109 -2.95 12.99 -16.73
CA GLU C 109 -4.20 13.46 -16.12
C GLU C 109 -5.18 12.29 -16.14
N ASP C 110 -5.40 11.76 -17.34
CA ASP C 110 -6.32 10.64 -17.51
C ASP C 110 -6.17 9.66 -16.36
N THR C 111 -4.96 9.22 -16.10
CA THR C 111 -4.71 8.25 -15.04
C THR C 111 -4.75 8.84 -13.62
N ARG C 112 -4.03 9.93 -13.40
CA ARG C 112 -3.98 10.57 -12.09
C ARG C 112 -5.30 11.19 -11.68
N ASP C 113 -5.85 12.02 -12.57
CA ASP C 113 -7.11 12.71 -12.32
C ASP C 113 -8.22 11.69 -12.11
N LEU C 114 -8.32 10.71 -13.01
CA LEU C 114 -9.32 9.67 -12.85
C LEU C 114 -9.29 9.02 -11.45
N LEU C 115 -8.05 8.77 -10.93
CA LEU C 115 -7.77 8.16 -9.63
C LEU C 115 -7.86 9.13 -8.48
N ASP C 116 -7.97 10.42 -8.78
CA ASP C 116 -8.12 11.43 -7.74
C ASP C 116 -9.60 11.76 -7.54
N ASN C 117 -10.32 11.56 -8.66
CA ASN C 117 -11.76 11.82 -8.91
C ASN C 117 -12.57 10.53 -9.26
N VAL C 118 -12.58 9.60 -8.30
CA VAL C 118 -13.28 8.31 -8.33
C VAL C 118 -14.78 8.58 -8.40
N GLN C 119 -15.41 8.11 -9.49
CA GLN C 119 -16.84 8.33 -9.67
C GLN C 119 -17.64 7.27 -8.90
N TYR C 120 -18.11 7.67 -7.72
CA TYR C 120 -18.87 6.82 -6.82
C TYR C 120 -20.29 6.48 -7.27
N ALA C 121 -20.86 7.29 -8.14
CA ALA C 121 -22.21 7.05 -8.61
C ALA C 121 -22.22 6.44 -10.02
N PRO C 122 -22.33 5.11 -10.10
CA PRO C 122 -22.35 4.41 -11.39
C PRO C 122 -23.51 4.92 -12.24
N ALA C 123 -23.24 5.22 -13.50
CA ALA C 123 -24.27 5.72 -14.41
C ALA C 123 -25.30 4.65 -14.80
N ARG C 124 -24.93 3.79 -15.75
CA ARG C 124 -25.83 2.75 -16.22
C ARG C 124 -25.75 1.45 -15.42
N GLY C 125 -24.55 1.01 -15.08
CA GLY C 125 -24.42 -0.22 -14.32
C GLY C 125 -24.57 -0.09 -12.82
N ARG C 126 -24.61 -1.23 -12.13
CA ARG C 126 -24.74 -1.23 -10.67
C ARG C 126 -23.39 -0.96 -10.00
N PHE C 127 -22.32 -1.12 -10.77
CA PHE C 127 -20.97 -0.90 -10.26
C PHE C 127 -20.18 -0.02 -11.22
N LYS C 128 -19.30 0.80 -10.67
CA LYS C 128 -18.42 1.63 -11.50
C LYS C 128 -17.11 0.85 -11.41
N VAL C 129 -16.76 0.17 -12.50
CA VAL C 129 -15.56 -0.66 -12.52
C VAL C 129 -14.35 -0.06 -13.22
N TYR C 130 -13.21 -0.09 -12.53
CA TYR C 130 -11.96 0.40 -13.07
C TYR C 130 -11.08 -0.80 -13.44
N LEU C 131 -10.63 -0.85 -14.69
CA LEU C 131 -9.78 -1.94 -15.16
C LEU C 131 -8.41 -1.34 -15.46
N ILE C 132 -7.45 -1.54 -14.56
CA ILE C 132 -6.11 -0.98 -14.70
C ILE C 132 -5.07 -2.03 -15.08
N ASP C 133 -4.65 -1.99 -16.34
CA ASP C 133 -3.65 -2.93 -16.83
C ASP C 133 -2.26 -2.43 -16.40
N GLU C 134 -1.40 -3.36 -16.02
CA GLU C 134 -0.04 -3.01 -15.57
C GLU C 134 -0.14 -1.99 -14.43
N VAL C 135 -1.02 -2.27 -13.48
CA VAL C 135 -1.24 -1.40 -12.34
C VAL C 135 0.04 -1.06 -11.57
N HIS C 136 1.08 -1.86 -11.77
CA HIS C 136 2.33 -1.64 -11.06
C HIS C 136 3.14 -0.45 -11.55
N MET C 137 2.84 0.01 -12.75
CA MET C 137 3.57 1.15 -13.31
C MET C 137 2.91 2.49 -12.98
N LEU C 138 2.29 2.57 -11.81
CA LEU C 138 1.63 3.80 -11.35
C LEU C 138 2.52 4.62 -10.40
N SER C 139 2.20 5.91 -10.28
CA SER C 139 2.93 6.82 -9.40
C SER C 139 2.54 6.58 -7.95
N ARG C 140 3.33 7.11 -7.03
CA ARG C 140 3.07 6.96 -5.60
C ARG C 140 1.81 7.72 -5.17
N HIS C 141 1.46 8.77 -5.92
CA HIS C 141 0.26 9.55 -5.63
C HIS C 141 -0.98 8.71 -5.96
N SER C 142 -1.06 8.24 -7.19
CA SER C 142 -2.19 7.42 -7.64
C SER C 142 -2.29 6.19 -6.75
N PHE C 143 -1.16 5.54 -6.49
CA PHE C 143 -1.08 4.36 -5.63
C PHE C 143 -1.77 4.65 -4.29
N ASN C 144 -1.34 5.73 -3.64
CA ASN C 144 -1.90 6.12 -2.34
C ASN C 144 -3.36 6.49 -2.52
N ALA C 145 -3.71 6.95 -3.73
CA ALA C 145 -5.08 7.31 -4.03
C ALA C 145 -5.88 6.01 -4.14
N LEU C 146 -5.24 5.01 -4.75
CA LEU C 146 -5.84 3.69 -4.90
C LEU C 146 -5.98 3.09 -3.50
N LEU C 147 -4.95 3.31 -2.68
CA LEU C 147 -4.93 2.80 -1.31
C LEU C 147 -6.01 3.44 -0.43
N LYS C 148 -6.20 4.76 -0.58
CA LYS C 148 -7.21 5.49 0.21
C LYS C 148 -8.61 4.98 -0.07
N THR C 149 -8.87 4.71 -1.34
CA THR C 149 -10.18 4.21 -1.75
C THR C 149 -10.39 2.76 -1.30
N LEU C 150 -9.35 1.94 -1.40
CA LEU C 150 -9.44 0.56 -0.97
C LEU C 150 -9.54 0.56 0.55
N GLU C 151 -9.09 1.67 1.15
CA GLU C 151 -9.15 1.82 2.59
C GLU C 151 -10.55 2.22 3.07
N GLU C 152 -11.21 3.08 2.29
CA GLU C 152 -12.58 3.55 2.58
C GLU C 152 -13.39 3.17 1.34
N PRO C 153 -13.59 1.86 1.13
CA PRO C 153 -14.32 1.25 0.02
C PRO C 153 -15.67 1.77 -0.46
N PRO C 154 -15.70 2.40 -1.66
CA PRO C 154 -16.95 2.93 -2.21
C PRO C 154 -17.82 1.69 -2.44
N GLU C 155 -18.96 1.60 -1.78
CA GLU C 155 -19.80 0.43 -1.91
C GLU C 155 -20.28 0.14 -3.33
N HIS C 156 -20.11 1.10 -4.24
CA HIS C 156 -20.52 0.94 -5.63
C HIS C 156 -19.35 0.97 -6.62
N VAL C 157 -18.13 0.88 -6.11
CA VAL C 157 -16.96 0.89 -6.99
C VAL C 157 -16.13 -0.37 -6.81
N LYS C 158 -15.56 -0.86 -7.90
CA LYS C 158 -14.71 -2.04 -7.87
C LYS C 158 -13.47 -1.85 -8.73
N PHE C 159 -12.36 -2.37 -8.25
CA PHE C 159 -11.09 -2.26 -8.93
C PHE C 159 -10.58 -3.60 -9.44
N LEU C 160 -10.33 -3.68 -10.74
CA LEU C 160 -9.82 -4.91 -11.35
C LEU C 160 -8.45 -4.58 -11.92
N LEU C 161 -7.42 -5.02 -11.22
CA LEU C 161 -6.04 -4.76 -11.59
C LEU C 161 -5.41 -5.95 -12.28
N ALA C 162 -4.47 -5.68 -13.17
CA ALA C 162 -3.77 -6.72 -13.90
C ALA C 162 -2.29 -6.35 -13.99
N THR C 163 -1.42 -7.32 -13.78
CA THR C 163 0.01 -7.05 -13.85
C THR C 163 0.86 -8.29 -14.11
N THR C 164 1.96 -8.10 -14.81
CA THR C 164 2.89 -9.19 -15.13
C THR C 164 4.01 -9.14 -14.09
N ASP C 165 3.84 -8.27 -13.10
CA ASP C 165 4.86 -8.10 -12.08
C ASP C 165 4.29 -7.69 -10.72
N PRO C 166 3.68 -8.64 -10.00
CA PRO C 166 3.05 -8.44 -8.68
C PRO C 166 3.88 -7.73 -7.63
N GLN C 167 5.00 -8.32 -7.26
CA GLN C 167 5.88 -7.80 -6.22
C GLN C 167 6.14 -6.31 -6.20
N LYS C 168 6.02 -5.67 -7.35
CA LYS C 168 6.27 -4.24 -7.43
C LYS C 168 5.12 -3.39 -6.93
N LEU C 169 4.13 -4.02 -6.31
CA LEU C 169 3.00 -3.26 -5.80
C LEU C 169 3.11 -3.05 -4.30
N PRO C 170 2.71 -1.86 -3.81
CA PRO C 170 2.80 -1.63 -2.37
C PRO C 170 2.11 -2.80 -1.67
N VAL C 171 2.77 -3.40 -0.69
CA VAL C 171 2.20 -4.52 0.03
C VAL C 171 0.82 -4.12 0.59
N THR C 172 0.65 -2.83 0.83
CA THR C 172 -0.61 -2.30 1.36
C THR C 172 -1.75 -2.45 0.37
N ILE C 173 -1.48 -2.39 -0.92
CA ILE C 173 -2.56 -2.57 -1.89
C ILE C 173 -2.78 -4.07 -2.09
N LEU C 174 -1.70 -4.82 -2.24
CA LEU C 174 -1.77 -6.26 -2.42
C LEU C 174 -2.70 -6.90 -1.40
N SER C 175 -2.46 -6.62 -0.12
CA SER C 175 -3.25 -7.17 0.98
C SER C 175 -4.75 -6.84 0.91
N ARG C 176 -5.11 -5.84 0.11
CA ARG C 176 -6.51 -5.48 -0.01
C ARG C 176 -7.11 -5.89 -1.35
N CYS C 177 -6.38 -6.73 -2.09
CA CYS C 177 -6.81 -7.25 -3.39
C CYS C 177 -6.98 -8.77 -3.34
N LEU C 178 -7.99 -9.29 -4.02
CA LEU C 178 -8.14 -10.72 -4.09
C LEU C 178 -7.21 -11.08 -5.26
N GLN C 179 -6.12 -11.79 -4.98
CA GLN C 179 -5.15 -12.17 -6.00
C GLN C 179 -5.40 -13.50 -6.69
N PHE C 180 -5.17 -13.49 -8.00
CA PHE C 180 -5.33 -14.67 -8.81
C PHE C 180 -4.06 -14.76 -9.63
N HIS C 181 -3.44 -15.92 -9.61
CA HIS C 181 -2.21 -16.14 -10.35
C HIS C 181 -2.51 -16.98 -11.58
N LEU C 182 -2.44 -16.35 -12.75
CA LEU C 182 -2.69 -17.07 -13.98
C LEU C 182 -1.39 -17.73 -14.40
N LYS C 183 -1.50 -18.98 -14.83
CA LYS C 183 -0.32 -19.75 -15.23
C LYS C 183 -0.03 -19.61 -16.71
N ALA C 184 1.21 -19.91 -17.09
CA ALA C 184 1.56 -19.89 -18.50
C ALA C 184 0.81 -21.11 -18.99
N LEU C 185 0.35 -21.06 -20.23
CA LEU C 185 -0.38 -22.19 -20.77
C LEU C 185 0.65 -23.15 -21.35
N ASP C 186 0.44 -24.45 -21.20
CA ASP C 186 1.41 -25.42 -21.73
C ASP C 186 1.19 -25.63 -23.23
N VAL C 187 2.19 -26.20 -23.87
CA VAL C 187 2.15 -26.44 -25.31
C VAL C 187 0.83 -27.03 -25.81
N GLU C 188 0.38 -28.11 -25.19
CA GLU C 188 -0.86 -28.76 -25.59
C GLU C 188 -2.08 -27.84 -25.54
N GLN C 189 -2.28 -27.15 -24.42
CA GLN C 189 -3.42 -26.25 -24.29
C GLN C 189 -3.46 -25.22 -25.41
N ILE C 190 -2.29 -24.74 -25.79
CA ILE C 190 -2.18 -23.76 -26.86
C ILE C 190 -2.46 -24.39 -28.22
N ARG C 191 -1.96 -25.60 -28.43
CA ARG C 191 -2.16 -26.28 -29.71
C ARG C 191 -3.61 -26.64 -29.95
N HIS C 192 -4.28 -27.08 -28.89
CA HIS C 192 -5.69 -27.43 -28.99
C HIS C 192 -6.52 -26.19 -29.33
N GLN C 193 -6.14 -25.06 -28.76
CA GLN C 193 -6.87 -23.84 -29.04
C GLN C 193 -6.64 -23.44 -30.50
N LEU C 194 -5.41 -23.67 -31.00
CA LEU C 194 -5.09 -23.35 -32.38
C LEU C 194 -5.86 -24.26 -33.34
N GLU C 195 -5.95 -25.55 -32.99
CA GLU C 195 -6.71 -26.51 -33.81
C GLU C 195 -8.15 -26.01 -33.85
N HIS C 196 -8.70 -25.76 -32.67
CA HIS C 196 -10.07 -25.28 -32.50
C HIS C 196 -10.38 -24.07 -33.39
N ILE C 197 -9.62 -23.00 -33.20
CA ILE C 197 -9.81 -21.78 -33.96
C ILE C 197 -9.69 -21.96 -35.47
N LEU C 198 -8.67 -22.70 -35.92
CA LEU C 198 -8.46 -22.93 -37.35
C LEU C 198 -9.57 -23.76 -37.99
N ASN C 199 -10.13 -24.70 -37.24
CA ASN C 199 -11.23 -25.50 -37.76
C ASN C 199 -12.46 -24.58 -37.90
N GLU C 200 -12.72 -23.76 -36.90
CA GLU C 200 -13.84 -22.82 -36.91
C GLU C 200 -13.69 -21.81 -38.05
N GLU C 201 -12.45 -21.40 -38.32
CA GLU C 201 -12.15 -20.43 -39.38
C GLU C 201 -12.12 -21.09 -40.76
N HIS C 202 -12.07 -22.43 -40.77
CA HIS C 202 -12.03 -23.22 -41.99
C HIS C 202 -10.73 -23.03 -42.74
N ILE C 203 -9.66 -22.80 -42.00
CA ILE C 203 -8.33 -22.61 -42.58
C ILE C 203 -7.55 -23.91 -42.55
N ALA C 204 -7.06 -24.33 -43.70
CA ALA C 204 -6.29 -25.56 -43.83
C ALA C 204 -5.00 -25.44 -42.99
N HIS C 205 -4.72 -26.47 -42.21
CA HIS C 205 -3.55 -26.49 -41.34
C HIS C 205 -2.94 -27.90 -41.20
N GLU C 206 -1.63 -27.95 -40.96
CA GLU C 206 -0.94 -29.23 -40.77
C GLU C 206 -0.56 -29.35 -39.30
N PRO C 207 -0.63 -30.57 -38.75
CA PRO C 207 -0.33 -30.92 -37.35
C PRO C 207 1.01 -30.42 -36.82
N ARG C 208 2.07 -30.73 -37.55
CA ARG C 208 3.40 -30.32 -37.12
C ARG C 208 3.49 -28.81 -37.03
N ALA C 209 2.88 -28.12 -37.99
CA ALA C 209 2.90 -26.67 -38.02
C ALA C 209 2.35 -26.08 -36.74
N LEU C 210 1.26 -26.65 -36.24
CA LEU C 210 0.65 -26.15 -35.01
C LEU C 210 1.52 -26.34 -33.78
N GLN C 211 2.15 -27.51 -33.64
CA GLN C 211 2.98 -27.69 -32.45
C GLN C 211 4.21 -26.80 -32.51
N LEU C 212 4.64 -26.43 -33.73
CA LEU C 212 5.79 -25.53 -33.89
C LEU C 212 5.34 -24.14 -33.44
N LEU C 213 4.18 -23.71 -33.91
CA LEU C 213 3.64 -22.41 -33.54
C LEU C 213 3.41 -22.40 -32.03
N ALA C 214 2.87 -23.49 -31.50
CA ALA C 214 2.58 -23.60 -30.08
C ALA C 214 3.85 -23.46 -29.23
N ARG C 215 4.91 -24.15 -29.65
CA ARG C 215 6.17 -24.12 -28.92
C ARG C 215 6.82 -22.74 -28.96
N ALA C 216 6.79 -22.11 -30.14
CA ALA C 216 7.39 -20.80 -30.32
C ALA C 216 6.71 -19.71 -29.47
N ALA C 217 5.46 -19.92 -29.10
CA ALA C 217 4.70 -18.96 -28.32
C ALA C 217 5.19 -18.85 -26.89
N GLU C 218 6.01 -19.80 -26.44
CA GLU C 218 6.55 -19.77 -25.09
C GLU C 218 5.48 -19.57 -24.00
N GLY C 219 4.37 -20.29 -24.06
CA GLY C 219 3.37 -20.16 -23.03
C GLY C 219 2.32 -19.07 -23.22
N SER C 220 2.61 -18.13 -24.11
CA SER C 220 1.66 -17.07 -24.36
C SER C 220 0.67 -17.42 -25.46
N LEU C 221 -0.62 -17.42 -25.15
CA LEU C 221 -1.62 -17.76 -26.15
C LEU C 221 -1.80 -16.61 -27.13
N ARG C 222 -1.53 -15.39 -26.66
CA ARG C 222 -1.66 -14.24 -27.54
C ARG C 222 -0.61 -14.29 -28.63
N ASP C 223 0.62 -14.61 -28.26
CA ASP C 223 1.69 -14.70 -29.26
C ASP C 223 1.43 -15.87 -30.20
N ALA C 224 0.85 -16.95 -29.67
CA ALA C 224 0.54 -18.10 -30.49
C ALA C 224 -0.42 -17.67 -31.61
N LEU C 225 -1.45 -16.92 -31.25
CA LEU C 225 -2.40 -16.46 -32.25
C LEU C 225 -1.74 -15.44 -33.17
N SER C 226 -0.90 -14.58 -32.61
CA SER C 226 -0.19 -13.59 -33.42
C SER C 226 0.69 -14.34 -34.44
N LEU C 227 1.42 -15.36 -33.99
CA LEU C 227 2.26 -16.13 -34.90
C LEU C 227 1.43 -16.87 -35.95
N THR C 228 0.22 -17.28 -35.58
CA THR C 228 -0.65 -17.99 -36.50
C THR C 228 -1.12 -17.04 -37.62
N ASP C 229 -1.51 -15.83 -37.24
CA ASP C 229 -1.97 -14.84 -38.20
C ASP C 229 -0.88 -14.62 -39.25
N GLN C 230 0.36 -14.47 -38.80
CA GLN C 230 1.47 -14.25 -39.69
C GLN C 230 1.66 -15.44 -40.62
N ALA C 231 1.51 -16.64 -40.08
CA ALA C 231 1.67 -17.86 -40.87
C ALA C 231 0.60 -17.94 -41.98
N ILE C 232 -0.59 -17.47 -41.67
CA ILE C 232 -1.68 -17.48 -42.63
C ILE C 232 -1.46 -16.47 -43.75
N ALA C 233 -1.17 -15.23 -43.37
CA ALA C 233 -0.92 -14.16 -44.34
C ALA C 233 0.31 -14.44 -45.19
N SER C 234 1.34 -15.00 -44.57
CA SER C 234 2.58 -15.33 -45.27
C SER C 234 2.54 -16.67 -45.97
N GLY C 235 1.63 -17.56 -45.55
CA GLY C 235 1.57 -18.89 -46.14
C GLY C 235 0.49 -19.22 -47.15
N ASP C 236 0.21 -18.30 -48.07
CA ASP C 236 -0.81 -18.52 -49.09
C ASP C 236 -2.15 -18.95 -48.50
N GLY C 237 -2.59 -18.25 -47.46
CA GLY C 237 -3.86 -18.55 -46.81
C GLY C 237 -3.96 -19.95 -46.24
N GLN C 238 -2.82 -20.49 -45.82
CA GLN C 238 -2.78 -21.84 -45.29
C GLN C 238 -1.71 -21.93 -44.20
N VAL C 239 -1.90 -22.79 -43.20
CA VAL C 239 -0.89 -22.94 -42.16
C VAL C 239 -0.17 -24.28 -42.37
N SER C 240 0.91 -24.25 -43.15
CA SER C 240 1.67 -25.43 -43.46
C SER C 240 2.98 -25.55 -42.69
N THR C 241 3.35 -26.79 -42.39
CA THR C 241 4.57 -27.09 -41.67
C THR C 241 5.83 -26.46 -42.27
N GLN C 242 5.96 -26.54 -43.59
CA GLN C 242 7.12 -26.01 -44.29
C GLN C 242 7.25 -24.49 -44.21
N ALA C 243 6.13 -23.80 -44.34
CA ALA C 243 6.13 -22.35 -44.27
C ALA C 243 6.37 -21.89 -42.83
N VAL C 244 5.63 -22.46 -41.88
CA VAL C 244 5.79 -22.10 -40.48
C VAL C 244 7.23 -22.21 -40.04
N SER C 245 7.90 -23.30 -40.46
CA SER C 245 9.30 -23.52 -40.10
C SER C 245 10.23 -22.44 -40.64
N ALA C 246 10.04 -22.10 -41.91
CA ALA C 246 10.88 -21.09 -42.53
C ALA C 246 10.59 -19.74 -41.88
N MET C 247 9.34 -19.55 -41.46
CA MET C 247 8.94 -18.31 -40.81
C MET C 247 9.55 -18.18 -39.41
N LEU C 248 9.82 -19.32 -38.77
CA LEU C 248 10.39 -19.33 -37.42
C LEU C 248 11.91 -19.48 -37.44
N GLY C 249 12.43 -20.06 -38.53
CA GLY C 249 13.86 -20.26 -38.64
C GLY C 249 14.27 -21.58 -38.04
N THR C 250 13.41 -22.11 -37.17
CA THR C 250 13.65 -23.39 -36.51
C THR C 250 12.95 -24.51 -37.27
N VAL D 12 1.26 20.47 -26.42
CA VAL D 12 1.71 19.85 -25.14
C VAL D 12 3.17 20.21 -24.86
N LEU D 13 3.43 20.72 -23.66
CA LEU D 13 4.77 21.14 -23.26
C LEU D 13 5.85 20.07 -23.39
N ALA D 14 5.53 18.87 -22.94
CA ALA D 14 6.49 17.76 -23.01
C ALA D 14 7.01 17.55 -24.43
N ARG D 15 6.12 17.58 -25.41
CA ARG D 15 6.55 17.37 -26.81
C ARG D 15 7.30 18.58 -27.33
N LYS D 16 6.78 19.77 -27.06
CA LYS D 16 7.39 21.01 -27.52
C LYS D 16 8.78 21.23 -26.93
N TRP D 17 9.00 20.76 -25.71
CA TRP D 17 10.31 20.94 -25.09
C TRP D 17 11.15 19.69 -25.03
N ARG D 18 10.99 18.82 -26.01
CA ARG D 18 11.79 17.61 -26.08
C ARG D 18 13.21 18.05 -26.43
N PRO D 19 14.21 17.60 -25.66
CA PRO D 19 15.60 17.98 -25.92
C PRO D 19 15.96 17.77 -27.40
N GLN D 20 16.50 18.81 -28.05
CA GLN D 20 16.88 18.73 -29.46
C GLN D 20 18.40 18.62 -29.61
N THR D 21 19.11 18.79 -28.50
CA THR D 21 20.57 18.70 -28.50
C THR D 21 20.98 18.17 -27.13
N PHE D 22 22.16 17.58 -27.05
CA PHE D 22 22.66 17.05 -25.79
C PHE D 22 22.73 18.12 -24.71
N ALA D 23 23.10 19.35 -25.08
CA ALA D 23 23.18 20.43 -24.10
C ALA D 23 21.81 20.75 -23.49
N ASP D 24 20.74 20.49 -24.25
CA ASP D 24 19.38 20.74 -23.79
C ASP D 24 18.88 19.73 -22.77
N VAL D 25 19.52 18.56 -22.73
CA VAL D 25 19.11 17.52 -21.81
C VAL D 25 19.34 17.93 -20.36
N VAL D 26 18.38 17.57 -19.51
CA VAL D 26 18.51 17.89 -18.10
C VAL D 26 19.24 16.80 -17.33
N GLY D 27 20.30 17.24 -16.65
CA GLY D 27 21.14 16.40 -15.79
C GLY D 27 21.44 14.92 -15.94
N GLN D 28 21.89 14.47 -17.10
CA GLN D 28 22.23 13.04 -17.23
C GLN D 28 23.69 13.06 -17.72
N GLU D 29 24.48 13.91 -17.07
CA GLU D 29 25.88 14.16 -17.35
C GLU D 29 26.79 13.00 -17.73
N HIS D 30 26.86 11.98 -16.88
CA HIS D 30 27.71 10.83 -17.17
C HIS D 30 27.30 10.13 -18.47
N VAL D 31 26.02 10.18 -18.80
CA VAL D 31 25.57 9.53 -20.01
C VAL D 31 25.94 10.37 -21.25
N LEU D 32 25.68 11.66 -21.18
CA LEU D 32 25.98 12.55 -22.30
C LEU D 32 27.48 12.65 -22.59
N THR D 33 28.30 12.62 -21.55
CA THR D 33 29.75 12.70 -21.70
C THR D 33 30.28 11.51 -22.50
N ALA D 34 29.85 10.31 -22.07
CA ALA D 34 30.26 9.07 -22.72
C ALA D 34 29.79 9.03 -24.17
N LEU D 35 28.52 9.34 -24.41
CA LEU D 35 28.00 9.34 -25.77
C LEU D 35 28.68 10.38 -26.64
N ALA D 36 28.86 11.58 -26.09
CA ALA D 36 29.52 12.64 -26.84
C ALA D 36 30.92 12.17 -27.26
N ASN D 37 31.71 11.69 -26.30
CA ASN D 37 33.05 11.22 -26.64
C ASN D 37 33.03 10.03 -27.60
N GLY D 38 32.05 9.15 -27.44
CA GLY D 38 31.97 7.99 -28.30
C GLY D 38 31.68 8.40 -29.74
N LEU D 39 30.82 9.40 -29.88
CA LEU D 39 30.47 9.90 -31.20
C LEU D 39 31.67 10.64 -31.80
N SER D 40 32.24 11.57 -31.04
CA SER D 40 33.38 12.34 -31.51
C SER D 40 34.56 11.47 -31.92
N LEU D 41 34.77 10.35 -31.23
CA LEU D 41 35.88 9.46 -31.54
C LEU D 41 35.47 8.37 -32.51
N GLY D 42 34.20 8.36 -32.88
CA GLY D 42 33.72 7.36 -33.80
C GLY D 42 33.80 5.92 -33.32
N ARG D 43 33.58 5.68 -32.02
CA ARG D 43 33.61 4.30 -31.54
C ARG D 43 32.45 3.56 -32.18
N ILE D 44 32.65 2.29 -32.49
CA ILE D 44 31.59 1.50 -33.11
C ILE D 44 30.84 0.68 -32.07
N HIS D 45 29.54 0.93 -31.94
CA HIS D 45 28.68 0.21 -31.02
C HIS D 45 27.46 -0.26 -31.81
N HIS D 46 27.09 -1.53 -31.65
CA HIS D 46 25.95 -2.08 -32.38
C HIS D 46 24.64 -1.87 -31.63
N ALA D 47 24.72 -1.82 -30.31
CA ALA D 47 23.54 -1.65 -29.49
C ALA D 47 23.82 -0.89 -28.22
N TYR D 48 22.91 0.02 -27.89
CA TYR D 48 23.00 0.83 -26.69
C TYR D 48 21.73 0.55 -25.89
N LEU D 49 21.87 0.50 -24.58
CA LEU D 49 20.73 0.26 -23.72
C LEU D 49 20.60 1.40 -22.70
N PHE D 50 19.41 2.00 -22.66
CA PHE D 50 19.13 3.09 -21.75
C PHE D 50 18.10 2.62 -20.73
N SER D 51 18.48 2.65 -19.45
CA SER D 51 17.55 2.24 -18.40
C SER D 51 17.46 3.28 -17.31
N GLY D 52 16.37 3.19 -16.54
CA GLY D 52 16.12 4.13 -15.46
C GLY D 52 14.63 4.38 -15.38
N THR D 53 14.17 5.08 -14.34
CA THR D 53 12.74 5.33 -14.19
C THR D 53 12.12 6.05 -15.36
N ARG D 54 10.81 6.12 -15.28
CA ARG D 54 9.99 6.76 -16.29
C ARG D 54 10.14 8.28 -16.33
N GLY D 55 10.13 8.82 -17.55
CA GLY D 55 10.23 10.26 -17.74
C GLY D 55 11.50 10.98 -17.36
N VAL D 56 12.63 10.28 -17.37
CA VAL D 56 13.90 10.92 -17.01
C VAL D 56 14.79 11.22 -18.22
N GLY D 57 14.31 10.85 -19.41
CA GLY D 57 15.07 11.14 -20.62
C GLY D 57 15.63 10.00 -21.46
N LYS D 58 15.21 8.76 -21.20
CA LYS D 58 15.72 7.62 -21.96
C LYS D 58 15.54 7.74 -23.46
N THR D 59 14.31 7.94 -23.93
CA THR D 59 14.11 8.04 -25.37
C THR D 59 14.56 9.39 -25.97
N SER D 60 14.55 10.44 -25.16
CA SER D 60 15.02 11.74 -25.64
C SER D 60 16.51 11.62 -26.04
N ILE D 61 17.30 11.04 -25.14
CA ILE D 61 18.73 10.86 -25.38
C ILE D 61 18.97 9.88 -26.53
N ALA D 62 18.17 8.82 -26.58
CA ALA D 62 18.31 7.83 -27.64
C ALA D 62 18.10 8.47 -29.01
N ARG D 63 17.10 9.34 -29.09
CA ARG D 63 16.77 10.04 -30.33
C ARG D 63 17.89 10.99 -30.74
N LEU D 64 18.54 11.62 -29.76
CA LEU D 64 19.66 12.53 -30.03
C LEU D 64 20.84 11.70 -30.54
N LEU D 65 20.96 10.48 -30.03
CA LEU D 65 22.02 9.60 -30.48
C LEU D 65 21.80 9.30 -31.97
N ALA D 66 20.57 8.91 -32.30
CA ALA D 66 20.20 8.61 -33.68
C ALA D 66 20.58 9.79 -34.57
N LYS D 67 20.28 10.99 -34.11
CA LYS D 67 20.61 12.20 -34.84
C LYS D 67 22.11 12.29 -35.06
N GLY D 68 22.86 12.12 -33.98
CA GLY D 68 24.30 12.18 -34.06
C GLY D 68 24.87 11.14 -35.01
N LEU D 69 24.27 9.96 -35.03
CA LEU D 69 24.74 8.88 -35.88
C LEU D 69 24.41 9.07 -37.35
N ASN D 70 23.38 9.85 -37.65
CA ASN D 70 22.97 10.04 -39.05
C ASN D 70 23.07 11.45 -39.61
N CYS D 71 23.45 12.43 -38.79
CA CYS D 71 23.55 13.79 -39.29
C CYS D 71 24.28 13.79 -40.62
N GLU D 72 23.76 14.56 -41.58
CA GLU D 72 24.39 14.62 -42.91
C GLU D 72 25.77 15.26 -42.85
N THR D 73 26.02 16.08 -41.83
CA THR D 73 27.34 16.72 -41.68
C THR D 73 28.36 15.69 -41.21
N GLY D 74 27.89 14.49 -40.90
CA GLY D 74 28.77 13.42 -40.45
C GLY D 74 28.46 12.99 -39.02
N ILE D 75 29.03 11.85 -38.61
CA ILE D 75 28.82 11.37 -37.26
C ILE D 75 29.39 12.42 -36.32
N THR D 76 28.53 13.00 -35.49
CA THR D 76 28.94 14.07 -34.58
C THR D 76 28.29 14.03 -33.20
N ALA D 77 28.95 14.67 -32.24
CA ALA D 77 28.43 14.76 -30.89
C ALA D 77 27.38 15.85 -30.89
N THR D 78 27.42 16.72 -31.89
CA THR D 78 26.44 17.81 -31.98
C THR D 78 25.73 17.86 -33.34
N PRO D 79 24.66 17.07 -33.49
CA PRO D 79 23.87 17.02 -34.74
C PRO D 79 23.34 18.41 -35.06
N CYS D 80 23.49 18.85 -36.31
CA CYS D 80 23.03 20.18 -36.70
C CYS D 80 21.56 20.42 -36.40
N GLY D 81 20.74 19.37 -36.45
CA GLY D 81 19.34 19.54 -36.17
C GLY D 81 18.56 20.28 -37.26
N VAL D 82 19.23 20.59 -38.36
CA VAL D 82 18.54 21.30 -39.44
C VAL D 82 18.55 20.55 -40.77
N CYS D 83 19.50 19.63 -40.94
CA CYS D 83 19.60 18.85 -42.16
C CYS D 83 18.37 17.93 -42.26
N ASP D 84 18.05 17.48 -43.47
CA ASP D 84 16.91 16.61 -43.67
C ASP D 84 16.86 15.45 -42.67
N ASN D 85 17.99 14.78 -42.49
CA ASN D 85 18.05 13.65 -41.58
C ASN D 85 17.70 14.06 -40.16
N CYS D 86 18.32 15.12 -39.66
CA CYS D 86 18.03 15.57 -38.31
C CYS D 86 16.60 16.07 -38.14
N ARG D 87 16.09 16.77 -39.16
CA ARG D 87 14.74 17.31 -39.11
C ARG D 87 13.67 16.23 -39.12
N GLU D 88 13.87 15.21 -39.95
CA GLU D 88 12.92 14.11 -40.07
C GLU D 88 12.90 13.22 -38.83
N ILE D 89 14.07 12.96 -38.27
CA ILE D 89 14.17 12.15 -37.07
C ILE D 89 13.45 12.93 -35.97
N GLU D 90 13.70 14.23 -35.96
CA GLU D 90 13.12 15.13 -34.97
C GLU D 90 11.59 15.05 -35.00
N GLN D 91 10.99 15.15 -36.19
CA GLN D 91 9.54 15.09 -36.27
C GLN D 91 8.99 13.66 -36.25
N GLY D 92 9.88 12.70 -36.05
CA GLY D 92 9.46 11.31 -35.96
C GLY D 92 9.04 10.72 -37.30
N ARG D 93 9.62 11.21 -38.38
CA ARG D 93 9.25 10.71 -39.68
C ARG D 93 10.44 10.27 -40.55
N PHE D 94 11.54 9.88 -39.91
CA PHE D 94 12.72 9.46 -40.66
C PHE D 94 12.58 8.00 -41.12
N VAL D 95 12.80 7.75 -42.41
CA VAL D 95 12.68 6.40 -42.94
C VAL D 95 13.68 5.43 -42.30
N ASP D 96 14.82 5.93 -41.84
CA ASP D 96 15.82 5.03 -41.25
C ASP D 96 15.81 5.01 -39.72
N LEU D 97 14.71 5.48 -39.15
CA LEU D 97 14.54 5.45 -37.71
C LEU D 97 13.24 4.70 -37.43
N ILE D 98 13.36 3.40 -37.24
CA ILE D 98 12.21 2.55 -36.97
C ILE D 98 11.88 2.55 -35.48
N GLU D 99 10.74 3.15 -35.13
CA GLU D 99 10.31 3.22 -33.74
C GLU D 99 9.35 2.12 -33.36
N ILE D 100 9.74 1.34 -32.35
CA ILE D 100 8.95 0.22 -31.87
C ILE D 100 8.58 0.39 -30.40
N ASP D 101 7.30 0.21 -30.09
CA ASP D 101 6.84 0.29 -28.70
C ASP D 101 6.47 -1.13 -28.30
N ALA D 102 7.44 -1.85 -27.76
CA ALA D 102 7.24 -3.22 -27.33
C ALA D 102 6.23 -3.36 -26.20
N ALA D 103 5.89 -2.24 -25.56
CA ALA D 103 4.92 -2.25 -24.47
C ALA D 103 3.49 -2.07 -24.99
N SER D 104 3.33 -2.08 -26.31
CA SER D 104 2.01 -1.88 -26.92
C SER D 104 1.32 -3.17 -27.36
N ARG D 105 0.20 -3.47 -26.70
CA ARG D 105 -0.59 -4.65 -27.05
C ARG D 105 -1.04 -4.42 -28.49
N THR D 106 -1.36 -3.17 -28.76
CA THR D 106 -1.83 -2.73 -30.07
C THR D 106 -0.87 -2.99 -31.23
N LYS D 107 0.43 -2.79 -30.99
CA LYS D 107 1.44 -2.98 -32.02
C LYS D 107 2.13 -4.35 -32.09
N VAL D 108 1.73 -5.30 -31.25
CA VAL D 108 2.31 -6.64 -31.19
C VAL D 108 2.67 -7.27 -32.53
N GLU D 109 1.76 -7.12 -33.49
CA GLU D 109 1.94 -7.70 -34.81
C GLU D 109 2.88 -6.96 -35.78
N ASP D 110 3.12 -5.67 -35.52
CA ASP D 110 4.02 -4.88 -36.36
C ASP D 110 5.46 -4.95 -35.82
N THR D 111 5.60 -4.89 -34.49
CA THR D 111 6.91 -4.97 -33.87
C THR D 111 7.52 -6.33 -34.20
N ARG D 112 6.67 -7.36 -34.25
CA ARG D 112 7.14 -8.71 -34.56
C ARG D 112 7.69 -8.81 -35.99
N ASP D 113 7.01 -8.17 -36.93
CA ASP D 113 7.42 -8.19 -38.34
C ASP D 113 8.68 -7.36 -38.56
N LEU D 114 8.67 -6.14 -38.02
CA LEU D 114 9.80 -5.24 -38.16
C LEU D 114 11.09 -5.93 -37.71
N LEU D 115 11.00 -6.66 -36.60
CA LEU D 115 12.14 -7.37 -36.07
C LEU D 115 12.55 -8.63 -36.84
N ASP D 116 11.61 -9.27 -37.53
CA ASP D 116 11.92 -10.47 -38.30
C ASP D 116 12.41 -10.16 -39.70
N ASN D 117 12.29 -8.88 -40.08
CA ASN D 117 12.71 -8.44 -41.40
C ASN D 117 13.55 -7.17 -41.27
N VAL D 118 14.75 -7.33 -40.70
CA VAL D 118 15.67 -6.23 -40.49
C VAL D 118 16.10 -5.64 -41.83
N GLN D 119 16.01 -4.31 -41.94
CA GLN D 119 16.40 -3.62 -43.18
C GLN D 119 17.89 -3.28 -43.11
N TYR D 120 18.72 -4.29 -43.40
CA TYR D 120 20.18 -4.17 -43.38
C TYR D 120 20.80 -3.01 -44.16
N ALA D 121 20.03 -2.37 -45.03
CA ALA D 121 20.56 -1.28 -45.84
C ALA D 121 19.81 0.03 -45.69
N PRO D 122 20.50 1.08 -45.23
CA PRO D 122 19.90 2.40 -45.04
C PRO D 122 19.51 2.98 -46.40
N ALA D 123 18.31 3.53 -46.48
CA ALA D 123 17.82 4.10 -47.72
C ALA D 123 18.42 5.48 -47.94
N ARG D 124 18.38 6.30 -46.89
CA ARG D 124 18.91 7.64 -46.98
C ARG D 124 20.01 7.86 -45.95
N GLY D 125 19.73 7.47 -44.70
CA GLY D 125 20.71 7.65 -43.65
C GLY D 125 21.93 6.77 -43.78
N ARG D 126 22.90 7.06 -42.92
CA ARG D 126 24.15 6.33 -42.86
C ARG D 126 23.89 4.97 -42.21
N PHE D 127 22.99 4.94 -41.23
CA PHE D 127 22.66 3.72 -40.51
C PHE D 127 21.14 3.52 -40.47
N LYS D 128 20.71 2.27 -40.26
CA LYS D 128 19.29 1.96 -40.13
C LYS D 128 19.16 1.83 -38.62
N VAL D 129 18.43 2.74 -38.00
CA VAL D 129 18.30 2.74 -36.56
C VAL D 129 16.97 2.26 -36.02
N TYR D 130 17.05 1.28 -35.13
CA TYR D 130 15.87 0.73 -34.49
C TYR D 130 15.84 1.22 -33.05
N LEU D 131 14.75 1.89 -32.68
CA LEU D 131 14.57 2.40 -31.33
C LEU D 131 13.41 1.62 -30.70
N ILE D 132 13.76 0.66 -29.85
CA ILE D 132 12.79 -0.22 -29.20
C ILE D 132 12.57 0.16 -27.73
N ASP D 133 11.43 0.82 -27.50
CA ASP D 133 11.05 1.27 -26.17
C ASP D 133 10.51 0.13 -25.33
N GLU D 134 10.85 0.11 -24.05
CA GLU D 134 10.40 -0.94 -23.14
C GLU D 134 10.67 -2.29 -23.80
N VAL D 135 11.92 -2.50 -24.21
CA VAL D 135 12.33 -3.72 -24.86
C VAL D 135 12.13 -5.01 -24.07
N HIS D 136 12.03 -4.92 -22.73
CA HIS D 136 11.83 -6.14 -21.93
C HIS D 136 10.44 -6.74 -22.08
N MET D 137 9.55 -6.04 -22.78
CA MET D 137 8.19 -6.52 -22.97
C MET D 137 8.04 -7.26 -24.29
N LEU D 138 9.13 -7.42 -25.03
CA LEU D 138 9.06 -8.13 -26.31
C LEU D 138 8.66 -9.57 -26.05
N SER D 139 7.97 -10.18 -27.01
CA SER D 139 7.57 -11.58 -26.86
C SER D 139 8.85 -12.39 -26.91
N ARG D 140 8.82 -13.56 -26.27
CA ARG D 140 9.98 -14.43 -26.26
C ARG D 140 10.53 -14.65 -27.67
N HIS D 141 9.63 -14.81 -28.65
CA HIS D 141 10.05 -15.05 -30.02
C HIS D 141 10.72 -13.83 -30.65
N SER D 142 10.15 -12.66 -30.42
CA SER D 142 10.73 -11.44 -30.97
C SER D 142 12.02 -11.08 -30.23
N PHE D 143 12.17 -11.59 -29.01
CA PHE D 143 13.38 -11.33 -28.25
C PHE D 143 14.51 -12.16 -28.84
N ASN D 144 14.19 -13.36 -29.27
CA ASN D 144 15.19 -14.24 -29.86
C ASN D 144 15.69 -13.63 -31.16
N ALA D 145 14.77 -13.14 -31.98
CA ALA D 145 15.16 -12.53 -33.25
C ALA D 145 16.15 -11.40 -32.98
N LEU D 146 15.78 -10.51 -32.06
CA LEU D 146 16.65 -9.40 -31.68
C LEU D 146 18.00 -9.95 -31.26
N LEU D 147 17.95 -10.97 -30.42
CA LEU D 147 19.14 -11.62 -29.89
C LEU D 147 20.01 -12.20 -31.00
N LYS D 148 19.39 -12.89 -31.96
CA LYS D 148 20.13 -13.49 -33.06
C LYS D 148 20.74 -12.40 -33.93
N THR D 149 20.06 -11.26 -34.04
CA THR D 149 20.59 -10.16 -34.84
C THR D 149 21.77 -9.52 -34.16
N LEU D 150 21.76 -9.49 -32.83
CA LEU D 150 22.88 -8.91 -32.09
C LEU D 150 24.05 -9.88 -32.10
N GLU D 151 23.78 -11.13 -32.49
CA GLU D 151 24.82 -12.16 -32.57
C GLU D 151 25.78 -11.77 -33.68
N GLU D 152 25.25 -11.62 -34.88
CA GLU D 152 26.03 -11.21 -36.04
C GLU D 152 25.49 -9.84 -36.46
N PRO D 153 25.80 -8.80 -35.67
CA PRO D 153 25.34 -7.43 -35.92
C PRO D 153 25.46 -6.92 -37.35
N PRO D 154 24.30 -6.67 -38.00
CA PRO D 154 24.35 -6.16 -39.37
C PRO D 154 25.27 -4.94 -39.39
N GLU D 155 25.92 -4.73 -40.51
CA GLU D 155 26.89 -3.65 -40.69
C GLU D 155 26.44 -2.20 -40.49
N HIS D 156 25.31 -1.83 -41.08
CA HIS D 156 24.85 -0.46 -40.95
C HIS D 156 23.56 -0.32 -40.14
N VAL D 157 23.39 -1.21 -39.16
CA VAL D 157 22.22 -1.19 -38.32
C VAL D 157 22.60 -0.99 -36.84
N LYS D 158 21.84 -0.16 -36.14
CA LYS D 158 22.09 0.10 -34.72
C LYS D 158 20.79 -0.09 -33.97
N PHE D 159 20.87 -0.69 -32.78
CA PHE D 159 19.71 -0.93 -31.94
C PHE D 159 19.76 -0.10 -30.65
N LEU D 160 18.88 0.89 -30.55
CA LEU D 160 18.84 1.74 -29.36
C LEU D 160 17.68 1.24 -28.51
N LEU D 161 18.02 0.60 -27.39
CA LEU D 161 17.05 0.00 -26.49
C LEU D 161 16.80 0.82 -25.21
N ALA D 162 15.55 0.90 -24.81
CA ALA D 162 15.15 1.64 -23.61
C ALA D 162 14.28 0.75 -22.73
N THR D 163 14.46 0.84 -21.41
CA THR D 163 13.68 0.03 -20.49
C THR D 163 13.57 0.59 -19.08
N THR D 164 12.43 0.35 -18.45
CA THR D 164 12.18 0.80 -17.08
C THR D 164 12.66 -0.29 -16.12
N ASP D 165 12.89 -1.49 -16.65
CA ASP D 165 13.30 -2.61 -15.81
C ASP D 165 14.37 -3.51 -16.44
N PRO D 166 15.64 -3.14 -16.29
CA PRO D 166 16.83 -3.84 -16.80
C PRO D 166 16.90 -5.30 -16.33
N GLN D 167 16.61 -5.48 -15.05
CA GLN D 167 16.62 -6.79 -14.41
C GLN D 167 15.77 -7.84 -15.13
N LYS D 168 14.91 -7.41 -16.05
CA LYS D 168 14.06 -8.35 -16.80
C LYS D 168 14.77 -8.86 -18.05
N LEU D 169 15.80 -8.14 -18.48
CA LEU D 169 16.53 -8.54 -19.67
C LEU D 169 17.52 -9.68 -19.40
N PRO D 170 17.59 -10.66 -20.33
CA PRO D 170 18.46 -11.83 -20.25
C PRO D 170 19.90 -11.37 -20.39
N VAL D 171 20.80 -11.94 -19.58
CA VAL D 171 22.21 -11.57 -19.65
C VAL D 171 22.74 -11.64 -21.08
N THR D 172 22.16 -12.52 -21.89
CA THR D 172 22.62 -12.67 -23.26
C THR D 172 22.45 -11.40 -24.09
N ILE D 173 21.38 -10.66 -23.85
CA ILE D 173 21.13 -9.45 -24.60
C ILE D 173 21.84 -8.30 -23.90
N LEU D 174 21.96 -8.41 -22.58
CA LEU D 174 22.63 -7.38 -21.80
C LEU D 174 24.10 -7.22 -22.18
N SER D 175 24.83 -8.33 -22.22
CA SER D 175 26.27 -8.31 -22.53
C SER D 175 26.63 -7.90 -23.95
N ARG D 176 25.63 -7.60 -24.76
CA ARG D 176 25.90 -7.15 -26.12
C ARG D 176 25.47 -5.70 -26.29
N CYS D 177 25.26 -5.02 -25.16
CA CYS D 177 24.82 -3.62 -25.18
C CYS D 177 25.72 -2.74 -24.35
N LEU D 178 25.80 -1.48 -24.76
CA LEU D 178 26.53 -0.50 -23.97
C LEU D 178 25.39 0.05 -23.09
N GLN D 179 25.45 -0.21 -21.80
CA GLN D 179 24.40 0.21 -20.89
C GLN D 179 24.60 1.57 -20.25
N PHE D 180 23.55 2.37 -20.25
CA PHE D 180 23.59 3.71 -19.64
C PHE D 180 22.45 3.74 -18.64
N HIS D 181 22.78 3.99 -17.37
CA HIS D 181 21.79 4.05 -16.31
C HIS D 181 21.41 5.51 -16.05
N LEU D 182 20.18 5.88 -16.40
CA LEU D 182 19.72 7.25 -16.20
C LEU D 182 19.20 7.43 -14.77
N LYS D 183 19.43 8.62 -14.23
CA LYS D 183 19.02 8.97 -12.88
C LYS D 183 17.75 9.78 -12.82
N ALA D 184 16.93 9.50 -11.80
CA ALA D 184 15.69 10.26 -11.61
C ALA D 184 16.19 11.68 -11.35
N LEU D 185 15.41 12.67 -11.78
CA LEU D 185 15.82 14.05 -11.61
C LEU D 185 15.53 14.66 -10.24
N ASP D 186 16.43 15.54 -9.81
CA ASP D 186 16.35 16.28 -8.54
C ASP D 186 15.16 17.24 -8.55
N VAL D 187 14.60 17.50 -7.37
CA VAL D 187 13.48 18.43 -7.29
C VAL D 187 13.94 19.77 -7.88
N GLU D 188 15.17 20.16 -7.56
CA GLU D 188 15.73 21.40 -8.09
C GLU D 188 15.99 21.29 -9.58
N GLN D 189 16.44 20.11 -10.02
CA GLN D 189 16.69 19.95 -11.45
C GLN D 189 15.38 20.15 -12.18
N ILE D 190 14.31 19.58 -11.64
CA ILE D 190 13.01 19.71 -12.25
C ILE D 190 12.47 21.13 -12.15
N ARG D 191 12.53 21.69 -10.94
CA ARG D 191 12.03 23.03 -10.72
C ARG D 191 12.71 24.02 -11.65
N HIS D 192 14.04 23.96 -11.74
CA HIS D 192 14.79 24.85 -12.61
C HIS D 192 14.30 24.75 -14.06
N GLN D 193 14.14 23.53 -14.55
CA GLN D 193 13.68 23.34 -15.93
C GLN D 193 12.26 23.91 -16.14
N LEU D 194 11.39 23.75 -15.14
CA LEU D 194 10.03 24.28 -15.24
C LEU D 194 10.07 25.79 -15.30
N GLU D 195 10.86 26.38 -14.40
CA GLU D 195 11.02 27.81 -14.32
C GLU D 195 11.58 28.31 -15.66
N HIS D 196 12.63 27.64 -16.14
CA HIS D 196 13.24 28.01 -17.41
C HIS D 196 12.23 27.98 -18.56
N ILE D 197 11.47 26.89 -18.64
CA ILE D 197 10.46 26.72 -19.68
C ILE D 197 9.32 27.73 -19.59
N LEU D 198 8.79 27.94 -18.39
CA LEU D 198 7.70 28.89 -18.22
C LEU D 198 8.17 30.30 -18.60
N ASN D 199 9.42 30.61 -18.29
CA ASN D 199 9.97 31.92 -18.63
C ASN D 199 10.05 32.13 -20.15
N GLU D 200 10.63 31.17 -20.86
CA GLU D 200 10.75 31.28 -22.31
C GLU D 200 9.38 31.29 -22.96
N GLU D 201 8.38 30.75 -22.27
CA GLU D 201 7.01 30.72 -22.80
C GLU D 201 6.26 31.99 -22.44
N HIS D 202 6.84 32.76 -21.52
CA HIS D 202 6.23 33.99 -21.02
C HIS D 202 4.91 33.71 -20.34
N ILE D 203 4.92 32.64 -19.54
CA ILE D 203 3.76 32.21 -18.79
C ILE D 203 4.04 32.57 -17.33
N ALA D 204 3.26 33.48 -16.78
CA ALA D 204 3.45 33.90 -15.40
C ALA D 204 3.35 32.70 -14.45
N HIS D 205 4.09 32.77 -13.35
CA HIS D 205 4.10 31.68 -12.37
C HIS D 205 4.60 32.17 -11.03
N GLU D 206 4.20 31.47 -9.98
CA GLU D 206 4.65 31.79 -8.63
C GLU D 206 5.64 30.74 -8.18
N PRO D 207 6.66 31.18 -7.41
CA PRO D 207 7.73 30.36 -6.86
C PRO D 207 7.26 29.08 -6.19
N ARG D 208 6.41 29.23 -5.19
CA ARG D 208 5.91 28.08 -4.47
C ARG D 208 5.22 27.08 -5.37
N ALA D 209 4.50 27.58 -6.37
CA ALA D 209 3.77 26.74 -7.31
C ALA D 209 4.66 25.76 -8.07
N LEU D 210 5.89 26.17 -8.40
CA LEU D 210 6.80 25.31 -9.14
C LEU D 210 7.44 24.25 -8.23
N GLN D 211 7.57 24.56 -6.94
CA GLN D 211 8.15 23.63 -5.97
C GLN D 211 7.16 22.47 -5.84
N LEU D 212 5.90 22.83 -5.72
CA LEU D 212 4.81 21.86 -5.59
C LEU D 212 4.78 20.95 -6.81
N LEU D 213 4.91 21.53 -7.99
CA LEU D 213 4.89 20.73 -9.22
C LEU D 213 6.13 19.85 -9.27
N ALA D 214 7.29 20.43 -8.94
CA ALA D 214 8.55 19.68 -8.96
C ALA D 214 8.50 18.53 -7.98
N ARG D 215 7.87 18.76 -6.83
CA ARG D 215 7.74 17.75 -5.77
C ARG D 215 6.83 16.62 -6.23
N ALA D 216 5.63 16.98 -6.67
CA ALA D 216 4.65 16.00 -7.10
C ALA D 216 5.07 15.20 -8.35
N ALA D 217 6.02 15.72 -9.11
CA ALA D 217 6.49 15.04 -10.33
C ALA D 217 7.16 13.72 -9.99
N GLU D 218 7.66 13.60 -8.76
CA GLU D 218 8.31 12.39 -8.28
C GLU D 218 9.47 11.90 -9.17
N GLY D 219 10.42 12.79 -9.45
CA GLY D 219 11.56 12.41 -10.25
C GLY D 219 11.35 12.38 -11.75
N SER D 220 10.10 12.47 -12.19
CA SER D 220 9.80 12.43 -13.60
C SER D 220 9.60 13.82 -14.20
N LEU D 221 10.50 14.20 -15.09
CA LEU D 221 10.42 15.50 -15.73
C LEU D 221 9.25 15.54 -16.72
N ARG D 222 8.79 14.37 -17.15
CA ARG D 222 7.67 14.27 -18.09
C ARG D 222 6.38 14.61 -17.33
N ASP D 223 6.20 13.96 -16.18
CA ASP D 223 5.01 14.20 -15.37
C ASP D 223 5.00 15.63 -14.84
N ALA D 224 6.18 16.19 -14.65
CA ALA D 224 6.31 17.56 -14.18
C ALA D 224 5.76 18.50 -15.24
N LEU D 225 6.09 18.23 -16.50
CA LEU D 225 5.63 19.07 -17.59
C LEU D 225 4.14 18.87 -17.84
N SER D 226 3.68 17.64 -17.62
CA SER D 226 2.28 17.31 -17.78
C SER D 226 1.46 17.93 -16.65
N LEU D 227 1.97 17.88 -15.42
CA LEU D 227 1.28 18.48 -14.29
C LEU D 227 1.20 19.99 -14.50
N THR D 228 2.26 20.55 -15.10
CA THR D 228 2.33 21.98 -15.39
C THR D 228 1.33 22.35 -16.48
N ASP D 229 1.24 21.52 -17.52
CA ASP D 229 0.30 21.79 -18.60
C ASP D 229 -1.10 21.90 -18.00
N GLN D 230 -1.40 21.01 -17.06
CA GLN D 230 -2.71 21.00 -16.41
C GLN D 230 -2.88 22.23 -15.53
N ALA D 231 -1.77 22.70 -14.95
CA ALA D 231 -1.82 23.89 -14.12
C ALA D 231 -2.13 25.09 -15.01
N ILE D 232 -1.36 25.22 -16.10
CA ILE D 232 -1.58 26.35 -17.02
C ILE D 232 -3.05 26.41 -17.44
N ALA D 233 -3.63 25.25 -17.75
CA ALA D 233 -5.01 25.18 -18.17
C ALA D 233 -5.97 25.64 -17.07
N SER D 234 -6.22 24.77 -16.10
CA SER D 234 -7.13 25.09 -15.00
C SER D 234 -6.84 26.42 -14.31
N GLY D 235 -5.68 27.01 -14.57
CA GLY D 235 -5.33 28.29 -13.97
C GLY D 235 -5.47 29.46 -14.93
N ASP D 236 -6.41 29.35 -15.86
CA ASP D 236 -6.67 30.38 -16.87
C ASP D 236 -5.39 31.09 -17.34
N GLY D 237 -4.35 30.33 -17.64
CA GLY D 237 -3.12 30.94 -18.15
C GLY D 237 -1.97 31.19 -17.18
N GLN D 238 -2.23 31.13 -15.88
CA GLN D 238 -1.17 31.37 -14.90
C GLN D 238 -0.88 30.10 -14.12
N VAL D 239 0.36 29.97 -13.65
CA VAL D 239 0.72 28.83 -12.82
C VAL D 239 0.84 29.42 -11.42
N SER D 240 -0.31 29.61 -10.78
CA SER D 240 -0.37 30.19 -9.45
C SER D 240 -0.33 29.13 -8.37
N THR D 241 0.16 29.50 -7.18
CA THR D 241 0.26 28.58 -6.07
C THR D 241 -1.10 28.04 -5.67
N GLN D 242 -2.10 28.91 -5.65
CA GLN D 242 -3.45 28.53 -5.30
C GLN D 242 -4.01 27.47 -6.24
N ALA D 243 -4.02 27.80 -7.53
CA ALA D 243 -4.53 26.92 -8.56
C ALA D 243 -3.78 25.58 -8.61
N VAL D 244 -2.53 25.58 -8.15
CA VAL D 244 -1.74 24.35 -8.15
C VAL D 244 -2.03 23.47 -6.93
N SER D 245 -2.12 24.09 -5.76
CA SER D 245 -2.39 23.36 -4.53
C SER D 245 -3.74 22.65 -4.63
N ALA D 246 -4.71 23.36 -5.19
CA ALA D 246 -6.06 22.82 -5.35
C ALA D 246 -6.11 21.74 -6.43
N MET D 247 -5.12 21.74 -7.32
CA MET D 247 -5.03 20.76 -8.41
C MET D 247 -4.32 19.48 -7.97
N LEU D 248 -3.30 19.62 -7.13
CA LEU D 248 -2.54 18.47 -6.64
C LEU D 248 -3.23 17.75 -5.48
N GLY D 249 -4.28 18.37 -4.92
CA GLY D 249 -4.99 17.75 -3.82
C GLY D 249 -4.08 17.52 -2.62
N THR D 250 -3.00 18.29 -2.57
CA THR D 250 -2.02 18.20 -1.51
C THR D 250 -2.67 18.20 -0.14
#